data_1KTL
#
_entry.id   1KTL
#
_cell.length_a   178.400
_cell.length_b   178.400
_cell.length_c   87.300
_cell.angle_alpha   90.00
_cell.angle_beta   90.00
_cell.angle_gamma   120.00
#
_symmetry.space_group_name_H-M   'P 31 2 1'
#
loop_
_entity.id
_entity.type
_entity.pdbx_description
1 polymer 'HLA CLASS I HISTOCOMPATIBILITY ANTIGEN, ALPHA CHAIN'
2 polymer BETA-2-MICROGLOBULIN
3 polymer 'Peptide VTAPRTLLL'
4 non-polymer 'SULFATE ION'
#
loop_
_entity_poly.entity_id
_entity_poly.type
_entity_poly.pdbx_seq_one_letter_code
_entity_poly.pdbx_strand_id
1 'polypeptide(L)'
;GSHSLKYFHTSVSRPGRGEPRFISVGYVDDTQFVRFDNDAASPRMVPRAPWMEQEGSEYWDRETRSARDTAQIFRVNLRT
LRGYYNQSEAGSHTLQWMHGCELGPDGRFLRGYEQFAYDGKDYLTLNEDLRSWTAVDTAAQISEQKSNDASEAEHQRAYL
EDTCVEWLHKYLEKGKETLLHLEPPKTHVTHHPISDHEATLRCWALGFYPAEITLTWQQDGEGHTQDTELVETRPAGDGT
FQKWAAVVVPSGEEQAYTCHVQHEGLPEPVTLRW
;
A,C
2 'polypeptide(L)'
;MIQRTPKIQVYSRHPAENGKSNFLNCYVSGFHPSDIEVDLLKNGERIEKVEHSDLSFSKDWSFYLLYYTEFTPTEKDEYA
CRVNHVTLSQPKIVKWDRDM
;
B,D
3 'polypeptide(L)' VTAPRTLLL P,Q
#
loop_
_chem_comp.id
_chem_comp.type
_chem_comp.name
_chem_comp.formula
SO4 non-polymer 'SULFATE ION' 'O4 S -2'
#
# COMPACT_ATOMS: atom_id res chain seq x y z
N GLY A 1 37.67 6.30 -8.49
CA GLY A 1 36.39 6.58 -7.73
C GLY A 1 35.71 5.30 -7.20
N SER A 2 34.43 5.48 -6.81
CA SER A 2 33.46 4.45 -6.26
C SER A 2 32.25 5.32 -5.81
N HIS A 3 31.06 5.00 -6.29
CA HIS A 3 29.95 5.85 -5.93
C HIS A 3 28.70 5.08 -5.52
N SER A 4 27.81 5.84 -4.87
CA SER A 4 26.58 5.35 -4.35
C SER A 4 25.47 6.37 -4.52
N LEU A 5 24.31 5.82 -4.91
CA LEU A 5 23.05 6.57 -5.02
C LEU A 5 22.17 6.02 -3.86
N LYS A 6 21.90 6.85 -2.87
CA LYS A 6 21.08 6.35 -1.79
C LYS A 6 19.98 7.25 -1.19
N TYR A 7 18.88 6.62 -0.87
CA TYR A 7 17.78 7.35 -0.27
C TYR A 7 17.49 6.95 1.19
N PHE A 8 17.01 7.91 1.95
CA PHE A 8 16.65 7.73 3.32
C PHE A 8 15.19 8.21 3.51
N HIS A 9 14.26 7.36 3.95
CA HIS A 9 12.88 7.80 4.09
C HIS A 9 12.46 7.74 5.55
N THR A 10 11.67 8.66 6.04
CA THR A 10 11.25 8.60 7.43
C THR A 10 9.77 8.92 7.50
N SER A 11 9.03 8.21 8.32
CA SER A 11 7.64 8.52 8.45
C SER A 11 7.42 8.58 9.92
N VAL A 12 6.81 9.64 10.41
CA VAL A 12 6.56 9.72 11.81
C VAL A 12 5.08 9.97 12.05
N SER A 13 4.42 9.10 12.77
CA SER A 13 3.01 9.26 13.02
C SER A 13 2.65 10.42 14.00
N ARG A 14 1.63 11.17 13.65
CA ARG A 14 1.32 12.26 14.51
C ARG A 14 -0.07 12.12 15.07
N PRO A 15 -0.24 11.43 16.22
CA PRO A 15 -1.56 11.21 16.86
C PRO A 15 -2.63 12.32 16.68
N GLY A 16 -2.53 13.33 17.55
CA GLY A 16 -3.46 14.47 17.49
C GLY A 16 -3.68 15.03 16.08
N ARG A 17 -2.61 15.52 15.43
CA ARG A 17 -2.70 16.13 14.08
C ARG A 17 -2.68 15.22 12.90
N GLY A 18 -3.54 14.20 12.89
CA GLY A 18 -3.65 13.24 11.78
C GLY A 18 -2.45 12.83 10.92
N GLU A 19 -2.65 12.74 9.62
CA GLU A 19 -1.59 12.31 8.67
C GLU A 19 -0.09 12.38 9.07
N PRO A 20 0.59 11.21 9.20
CA PRO A 20 2.00 11.19 9.56
C PRO A 20 2.93 12.00 8.62
N ARG A 21 4.03 12.49 9.20
CA ARG A 21 5.02 13.29 8.56
C ARG A 21 5.81 12.36 7.72
N PHE A 22 6.10 12.68 6.51
CA PHE A 22 6.96 11.79 5.68
C PHE A 22 8.10 12.56 5.04
N ILE A 23 9.34 12.21 5.37
CA ILE A 23 10.46 12.88 4.78
C ILE A 23 11.23 11.95 3.96
N SER A 24 11.80 12.47 2.91
CA SER A 24 12.55 11.65 2.03
C SER A 24 13.78 12.49 1.49
N VAL A 25 15.05 12.09 1.75
CA VAL A 25 16.27 12.79 1.26
C VAL A 25 17.16 11.81 0.46
N GLY A 26 17.57 12.26 -0.71
CA GLY A 26 18.38 11.42 -1.58
C GLY A 26 19.81 11.92 -1.60
N TYR A 27 20.73 11.02 -1.92
CA TYR A 27 22.15 11.32 -1.93
C TYR A 27 22.98 10.66 -2.98
N VAL A 28 23.93 11.41 -3.53
CA VAL A 28 24.94 10.78 -4.44
C VAL A 28 26.05 11.05 -3.43
N ASP A 29 26.65 9.92 -3.04
CA ASP A 29 27.55 9.85 -1.91
C ASP A 29 27.81 11.14 -1.24
N ASP A 30 27.35 11.30 0.00
CA ASP A 30 27.70 12.53 0.76
C ASP A 30 27.12 13.90 0.34
N THR A 31 26.43 13.93 -0.82
CA THR A 31 25.85 15.17 -1.31
C THR A 31 24.39 14.87 -1.48
N GLN A 32 23.57 15.66 -0.79
CA GLN A 32 22.15 15.53 -0.85
C GLN A 32 21.79 16.23 -2.12
N PHE A 33 20.93 15.64 -2.93
CA PHE A 33 20.60 16.40 -4.09
C PHE A 33 19.15 16.63 -4.31
N VAL A 34 18.31 15.89 -3.54
CA VAL A 34 16.84 16.02 -3.63
C VAL A 34 16.22 15.82 -2.27
N ARG A 35 14.95 16.10 -2.14
CA ARG A 35 14.30 15.83 -0.89
C ARG A 35 12.82 15.99 -1.10
N PHE A 36 12.01 15.29 -0.31
CA PHE A 36 10.61 15.43 -0.41
C PHE A 36 10.20 15.61 1.03
N ASP A 37 9.38 16.60 1.30
CA ASP A 37 8.95 16.72 2.63
C ASP A 37 7.48 16.98 2.58
N ASN A 38 6.68 16.03 3.00
CA ASN A 38 5.23 16.23 2.90
C ASN A 38 4.73 17.34 3.81
N ASP A 39 5.67 17.90 4.57
CA ASP A 39 5.34 18.94 5.50
C ASP A 39 5.68 20.28 4.97
N ALA A 40 6.77 20.29 4.24
CA ALA A 40 7.25 21.46 3.55
C ALA A 40 6.10 22.24 2.92
N ALA A 41 6.37 23.55 2.75
CA ALA A 41 5.40 24.46 2.15
C ALA A 41 5.12 23.99 0.69
N SER A 42 6.01 23.16 0.15
CA SER A 42 5.78 22.55 -1.17
C SER A 42 5.86 20.95 -1.04
N PRO A 43 4.70 20.23 -0.86
CA PRO A 43 4.80 18.75 -0.73
C PRO A 43 5.15 18.21 -2.09
N ARG A 44 6.36 18.48 -2.57
CA ARG A 44 6.80 18.00 -3.85
C ARG A 44 8.24 17.68 -3.70
N MET A 45 8.75 16.93 -4.66
CA MET A 45 10.14 16.56 -4.68
C MET A 45 10.90 17.77 -5.23
N VAL A 46 11.85 18.29 -4.48
CA VAL A 46 12.63 19.43 -4.89
C VAL A 46 14.14 19.14 -5.02
N PRO A 47 14.82 19.94 -5.83
CA PRO A 47 16.27 19.68 -5.94
C PRO A 47 16.99 20.41 -4.77
N ARG A 48 18.04 19.78 -4.27
CA ARG A 48 18.76 20.30 -3.11
C ARG A 48 20.12 20.65 -3.55
N ALA A 49 20.46 20.28 -4.76
CA ALA A 49 21.74 20.68 -5.26
C ALA A 49 21.48 21.67 -6.40
N PRO A 50 22.52 22.37 -6.89
CA PRO A 50 22.14 23.26 -8.01
C PRO A 50 22.28 22.51 -9.34
N TRP A 51 23.19 21.55 -9.39
CA TRP A 51 23.35 20.84 -10.63
C TRP A 51 22.06 20.11 -10.98
N MET A 52 21.19 19.97 -9.98
CA MET A 52 19.89 19.32 -10.22
C MET A 52 18.82 20.27 -10.87
N GLU A 53 19.00 21.61 -10.74
CA GLU A 53 18.07 22.65 -11.30
C GLU A 53 17.81 22.43 -12.81
N GLN A 54 18.79 21.81 -13.48
CA GLN A 54 18.68 21.60 -14.91
C GLN A 54 17.93 20.35 -15.20
N GLU A 55 16.80 20.20 -14.52
CA GLU A 55 15.97 19.00 -14.67
C GLU A 55 14.54 19.37 -15.03
N GLY A 56 13.97 18.66 -16.03
CA GLY A 56 12.65 18.97 -16.52
C GLY A 56 11.45 18.42 -15.79
N SER A 57 10.34 19.20 -15.75
CA SER A 57 9.04 18.86 -15.08
C SER A 57 8.70 17.39 -14.98
N GLU A 58 8.90 16.68 -16.09
CA GLU A 58 8.64 15.24 -16.14
C GLU A 58 9.28 14.63 -14.89
N TYR A 59 10.59 14.79 -14.72
CA TYR A 59 11.27 14.25 -13.58
C TYR A 59 10.66 14.66 -12.24
N TRP A 60 10.57 15.94 -11.99
CA TRP A 60 10.04 16.36 -10.73
C TRP A 60 8.64 15.85 -10.48
N ASP A 61 7.82 15.81 -11.52
CA ASP A 61 6.44 15.36 -11.32
C ASP A 61 6.44 13.90 -10.87
N ARG A 62 7.19 13.11 -11.67
CA ARG A 62 7.31 11.69 -11.48
C ARG A 62 7.79 11.39 -10.07
N GLU A 63 8.94 11.97 -9.71
CA GLU A 63 9.48 11.77 -8.38
C GLU A 63 8.54 12.28 -7.31
N THR A 64 7.72 13.26 -7.65
CA THR A 64 6.81 13.73 -6.65
C THR A 64 5.82 12.68 -6.43
N ARG A 65 5.33 12.03 -7.50
CA ARG A 65 4.35 10.93 -7.27
C ARG A 65 4.98 9.79 -6.42
N SER A 66 6.14 9.30 -6.85
CA SER A 66 6.81 8.31 -6.09
C SER A 66 6.87 8.66 -4.64
N ALA A 67 7.30 9.86 -4.27
CA ALA A 67 7.39 10.05 -2.85
C ALA A 67 6.02 10.01 -2.22
N ARG A 68 5.05 10.60 -2.91
CA ARG A 68 3.67 10.62 -2.42
C ARG A 68 3.08 9.24 -2.22
N ASP A 69 3.34 8.35 -3.17
CA ASP A 69 2.86 6.97 -3.08
C ASP A 69 3.54 6.28 -1.91
N THR A 70 4.85 6.55 -1.71
CA THR A 70 5.54 5.92 -0.61
C THR A 70 4.96 6.45 0.66
N ALA A 71 4.75 7.73 0.72
CA ALA A 71 4.20 8.25 1.91
C ALA A 71 2.93 7.53 2.24
N GLN A 72 2.16 7.21 1.20
CA GLN A 72 0.86 6.53 1.36
C GLN A 72 1.00 5.13 1.90
N ILE A 73 1.82 4.31 1.22
CA ILE A 73 2.08 2.94 1.67
C ILE A 73 2.68 3.02 3.07
N PHE A 74 3.62 3.92 3.32
CA PHE A 74 4.18 4.05 4.66
C PHE A 74 3.15 4.34 5.73
N ARG A 75 2.03 4.94 5.34
CA ARG A 75 0.99 5.28 6.28
C ARG A 75 0.15 4.03 6.56
N VAL A 76 0.05 3.19 5.55
CA VAL A 76 -0.65 1.97 5.66
C VAL A 76 0.30 1.19 6.54
N ASN A 77 1.54 1.04 6.10
CA ASN A 77 2.50 0.32 6.89
C ASN A 77 2.50 0.74 8.37
N LEU A 78 2.55 2.02 8.69
CA LEU A 78 2.55 2.34 10.09
C LEU A 78 1.38 1.81 10.85
N ARG A 79 0.26 1.64 10.18
CA ARG A 79 -0.97 1.16 10.78
C ARG A 79 -0.78 -0.35 11.07
N THR A 80 -0.43 -1.09 10.02
CA THR A 80 -0.19 -2.51 10.15
C THR A 80 0.69 -2.73 11.35
N LEU A 81 1.82 -2.06 11.42
CA LEU A 81 2.75 -2.27 12.52
C LEU A 81 2.15 -1.91 13.87
N ARG A 82 1.31 -0.93 13.90
CA ARG A 82 0.76 -0.59 15.17
C ARG A 82 -0.02 -1.83 15.62
N GLY A 83 -0.55 -2.55 14.63
CA GLY A 83 -1.33 -3.75 14.90
C GLY A 83 -0.44 -4.90 15.36
N TYR A 84 0.51 -5.30 14.53
CA TYR A 84 1.39 -6.36 14.95
C TYR A 84 1.82 -6.13 16.38
N TYR A 85 2.11 -4.92 16.76
CA TYR A 85 2.56 -4.72 18.12
C TYR A 85 1.43 -4.40 19.09
N ASN A 86 0.19 -4.54 18.67
CA ASN A 86 -0.91 -4.27 19.60
C ASN A 86 -0.62 -2.92 20.23
N GLN A 87 -0.56 -1.87 19.42
CA GLN A 87 -0.25 -0.54 19.97
C GLN A 87 -1.32 0.53 19.87
N SER A 88 -1.36 1.34 20.90
CA SER A 88 -2.29 2.41 20.91
C SER A 88 -1.96 3.41 19.78
N GLU A 89 -3.03 3.93 19.19
CA GLU A 89 -2.99 4.89 18.11
C GLU A 89 -2.69 6.29 18.66
N ALA A 90 -2.59 6.42 19.96
CA ALA A 90 -2.35 7.73 20.54
C ALA A 90 -0.86 8.05 20.69
N GLY A 91 0.03 7.13 20.37
CA GLY A 91 1.45 7.38 20.54
C GLY A 91 2.06 7.51 19.19
N SER A 92 3.26 8.09 19.14
CA SER A 92 3.97 8.28 17.89
C SER A 92 4.96 7.14 17.59
N HIS A 93 5.15 6.87 16.30
CA HIS A 93 6.04 5.81 15.81
C HIS A 93 6.68 6.20 14.52
N THR A 94 7.81 5.57 14.25
CA THR A 94 8.66 5.95 13.16
C THR A 94 8.98 4.82 12.24
N LEU A 95 8.72 4.95 10.95
CA LEU A 95 9.08 3.88 10.09
C LEU A 95 10.20 4.49 9.24
N GLN A 96 11.34 3.82 9.14
CA GLN A 96 12.44 4.36 8.34
C GLN A 96 12.81 3.35 7.33
N TRP A 97 13.29 3.80 6.18
CA TRP A 97 13.68 2.89 5.13
C TRP A 97 14.89 3.43 4.46
N MET A 98 15.96 2.68 4.35
CA MET A 98 17.09 3.20 3.64
C MET A 98 17.39 2.23 2.52
N HIS A 99 17.75 2.74 1.36
CA HIS A 99 18.09 1.86 0.26
C HIS A 99 19.14 2.55 -0.58
N GLY A 100 20.05 1.79 -1.14
CA GLY A 100 21.06 2.38 -1.99
C GLY A 100 21.75 1.38 -2.90
N CYS A 101 22.46 1.90 -3.92
CA CYS A 101 23.25 1.06 -4.81
C CYS A 101 24.66 1.64 -4.92
N GLU A 102 25.64 0.76 -5.09
CA GLU A 102 27.04 1.17 -5.19
C GLU A 102 27.76 0.70 -6.45
N LEU A 103 28.72 1.52 -6.88
CA LEU A 103 29.48 1.20 -8.08
C LEU A 103 30.85 0.68 -7.67
N GLY A 104 31.43 -0.13 -8.58
CA GLY A 104 32.81 -0.64 -8.39
C GLY A 104 33.77 0.51 -8.79
N PRO A 105 35.06 0.57 -8.27
CA PRO A 105 35.96 1.68 -8.67
C PRO A 105 35.96 1.70 -10.24
N ASP A 106 35.62 0.51 -10.77
CA ASP A 106 35.47 0.16 -12.18
C ASP A 106 34.08 0.60 -12.80
N GLY A 107 33.34 1.49 -12.10
CA GLY A 107 32.09 2.01 -12.65
C GLY A 107 30.80 1.20 -12.85
N ARG A 108 30.74 -0.08 -12.43
CA ARG A 108 29.45 -0.83 -12.55
C ARG A 108 28.92 -1.27 -11.18
N PHE A 109 27.73 -1.89 -11.21
CA PHE A 109 27.05 -2.38 -9.99
C PHE A 109 28.12 -3.03 -9.15
N LEU A 110 27.99 -2.86 -7.83
CA LEU A 110 28.95 -3.44 -6.91
C LEU A 110 28.10 -4.26 -5.93
N ARG A 111 27.32 -3.57 -5.11
CA ARG A 111 26.42 -4.21 -4.12
C ARG A 111 25.19 -3.26 -4.05
N GLY A 112 24.06 -3.78 -3.57
CA GLY A 112 22.88 -2.95 -3.40
C GLY A 112 22.27 -3.28 -2.05
N TYR A 113 21.51 -2.42 -1.38
CA TYR A 113 20.98 -2.85 -0.10
C TYR A 113 19.68 -2.20 0.26
N GLU A 114 18.98 -2.80 1.20
CA GLU A 114 17.71 -2.21 1.57
C GLU A 114 17.27 -2.60 3.02
N GLN A 115 16.71 -1.68 3.81
CA GLN A 115 16.35 -2.03 5.16
C GLN A 115 15.28 -1.18 5.74
N PHE A 116 14.50 -1.72 6.62
CA PHE A 116 13.43 -0.98 7.24
C PHE A 116 13.73 -1.04 8.70
N ALA A 117 13.22 -0.08 9.44
CA ALA A 117 13.41 -0.05 10.87
C ALA A 117 12.18 0.57 11.34
N TYR A 118 11.75 0.21 12.54
CA TYR A 118 10.53 0.72 13.15
C TYR A 118 10.93 1.11 14.56
N ASP A 119 10.40 2.20 15.08
CA ASP A 119 10.72 2.70 16.41
C ASP A 119 12.14 2.54 16.78
N GLY A 120 12.95 2.85 15.80
CA GLY A 120 14.37 2.89 16.03
C GLY A 120 15.13 1.64 15.93
N LYS A 121 14.52 0.54 15.51
CA LYS A 121 15.21 -0.73 15.46
C LYS A 121 15.07 -1.48 14.18
N ASP A 122 16.01 -2.36 13.90
CA ASP A 122 15.95 -3.11 12.66
C ASP A 122 14.69 -3.88 12.62
N TYR A 123 14.06 -3.97 11.46
CA TYR A 123 12.83 -4.74 11.31
C TYR A 123 12.85 -5.74 10.18
N LEU A 124 13.29 -5.35 8.99
CA LEU A 124 13.25 -6.25 7.88
C LEU A 124 14.33 -5.91 6.98
N THR A 125 15.24 -6.83 6.74
CA THR A 125 16.31 -6.47 5.87
C THR A 125 16.32 -7.32 4.66
N LEU A 126 16.52 -6.72 3.50
CA LEU A 126 16.66 -7.41 2.23
C LEU A 126 18.07 -7.99 2.27
N ASN A 127 18.20 -9.29 2.03
CA ASN A 127 19.48 -10.00 2.10
C ASN A 127 20.45 -9.67 1.03
N GLU A 128 21.68 -10.10 1.23
CA GLU A 128 22.75 -9.82 0.29
C GLU A 128 22.46 -10.29 -1.11
N ASP A 129 21.99 -11.53 -1.24
CA ASP A 129 21.70 -12.07 -2.58
C ASP A 129 20.64 -11.20 -3.27
N LEU A 130 19.89 -10.44 -2.47
CA LEU A 130 18.87 -9.53 -2.97
C LEU A 130 17.68 -10.27 -3.52
N ARG A 131 17.42 -11.44 -2.94
CA ARG A 131 16.30 -12.29 -3.39
C ARG A 131 15.52 -12.70 -2.15
N SER A 132 16.00 -12.33 -0.95
CA SER A 132 15.34 -12.73 0.29
C SER A 132 15.35 -11.66 1.40
N TRP A 133 14.50 -11.90 2.41
CA TRP A 133 14.35 -11.04 3.60
C TRP A 133 14.57 -11.69 4.96
N THR A 134 15.08 -10.94 5.89
CA THR A 134 15.38 -11.46 7.18
C THR A 134 14.53 -10.66 8.14
N ALA A 135 13.58 -11.27 8.78
CA ALA A 135 12.78 -10.53 9.72
C ALA A 135 13.72 -10.47 10.88
N VAL A 136 13.40 -9.64 11.84
CA VAL A 136 14.23 -9.40 13.00
C VAL A 136 13.35 -9.54 14.17
N ASP A 137 12.07 -9.68 13.95
CA ASP A 137 11.17 -9.79 15.06
C ASP A 137 10.12 -10.81 14.69
N THR A 138 9.08 -11.09 15.47
CA THR A 138 8.23 -12.12 14.87
C THR A 138 7.16 -11.44 14.03
N ALA A 139 6.95 -10.14 14.33
CA ALA A 139 5.93 -9.37 13.57
C ALA A 139 6.57 -9.25 12.21
N ALA A 140 7.87 -9.06 12.31
CA ALA A 140 8.61 -8.95 11.12
C ALA A 140 8.49 -10.19 10.33
N GLN A 141 8.18 -11.31 10.95
CA GLN A 141 8.07 -12.51 10.15
C GLN A 141 6.85 -12.44 9.29
N ILE A 142 5.78 -11.89 9.84
CA ILE A 142 4.61 -11.77 9.02
C ILE A 142 4.93 -10.88 7.84
N SER A 143 5.67 -9.82 8.12
CA SER A 143 6.06 -8.90 7.08
C SER A 143 6.95 -9.67 6.14
N GLU A 144 7.73 -10.59 6.66
CA GLU A 144 8.61 -11.33 5.83
C GLU A 144 7.94 -12.27 4.88
N GLN A 145 6.90 -12.98 5.30
CA GLN A 145 6.25 -13.92 4.36
C GLN A 145 5.42 -13.18 3.37
N LYS A 146 4.73 -12.17 3.88
CA LYS A 146 3.89 -11.32 3.08
C LYS A 146 4.78 -10.86 1.94
N SER A 147 5.96 -10.45 2.31
CA SER A 147 6.90 -9.96 1.34
C SER A 147 7.28 -10.95 0.31
N ASN A 148 7.62 -12.15 0.70
CA ASN A 148 8.04 -13.17 -0.25
C ASN A 148 6.97 -13.68 -1.16
N ASP A 149 5.82 -13.97 -0.58
CA ASP A 149 4.67 -14.40 -1.39
C ASP A 149 4.38 -13.25 -2.43
N ALA A 150 4.64 -12.00 -2.08
CA ALA A 150 4.37 -10.90 -3.02
C ALA A 150 5.45 -10.72 -4.05
N SER A 151 6.61 -11.29 -3.79
CA SER A 151 7.72 -11.10 -4.71
C SER A 151 8.36 -9.68 -4.66
N GLU A 152 8.48 -9.06 -3.49
CA GLU A 152 9.02 -7.74 -3.46
C GLU A 152 10.51 -7.72 -3.77
N ALA A 153 11.29 -8.64 -3.21
CA ALA A 153 12.72 -8.66 -3.51
C ALA A 153 13.01 -8.56 -5.04
N GLU A 154 12.14 -9.17 -5.83
CA GLU A 154 12.27 -9.17 -7.28
C GLU A 154 12.41 -7.76 -7.87
N HIS A 155 11.40 -6.94 -7.54
CA HIS A 155 11.30 -5.55 -7.90
C HIS A 155 12.53 -4.84 -7.36
N GLN A 156 12.64 -4.92 -6.03
CA GLN A 156 13.73 -4.25 -5.38
C GLN A 156 15.02 -4.59 -6.04
N ARG A 157 15.14 -5.80 -6.53
CA ARG A 157 16.41 -6.09 -7.11
C ARG A 157 16.65 -5.40 -8.43
N ALA A 158 15.58 -5.32 -9.21
CA ALA A 158 15.69 -4.67 -10.50
C ALA A 158 16.12 -3.25 -10.25
N TYR A 159 15.34 -2.55 -9.44
CA TYR A 159 15.67 -1.18 -9.19
C TYR A 159 17.09 -1.10 -8.79
N LEU A 160 17.37 -1.82 -7.73
CA LEU A 160 18.69 -1.77 -7.15
C LEU A 160 19.79 -2.05 -8.12
N GLU A 161 19.51 -2.94 -9.07
CA GLU A 161 20.53 -3.36 -10.03
C GLU A 161 20.71 -2.58 -11.30
N ASP A 162 19.63 -1.96 -11.79
CA ASP A 162 19.71 -1.17 -13.02
C ASP A 162 19.50 0.28 -12.71
N THR A 163 18.19 0.55 -12.73
CA THR A 163 17.63 1.83 -12.47
C THR A 163 18.54 2.62 -11.60
N CYS A 164 18.78 2.11 -10.39
CA CYS A 164 19.61 2.80 -9.44
C CYS A 164 20.99 3.08 -10.05
N VAL A 165 21.74 2.04 -10.46
CA VAL A 165 23.05 2.33 -11.07
C VAL A 165 22.94 3.25 -12.34
N GLU A 166 22.00 2.93 -13.24
CA GLU A 166 21.86 3.79 -14.40
C GLU A 166 21.74 5.33 -14.12
N TRP A 167 20.92 5.70 -13.14
CA TRP A 167 20.74 7.08 -12.78
C TRP A 167 21.90 7.66 -12.00
N LEU A 168 22.57 6.82 -11.22
CA LEU A 168 23.71 7.33 -10.45
C LEU A 168 24.62 7.91 -11.52
N HIS A 169 24.80 7.12 -12.59
CA HIS A 169 25.62 7.55 -13.72
C HIS A 169 25.18 8.94 -14.17
N LYS A 170 23.92 9.03 -14.59
CA LYS A 170 23.44 10.30 -15.03
C LYS A 170 23.67 11.40 -14.01
N TYR A 171 23.60 11.10 -12.72
CA TYR A 171 23.77 12.19 -11.71
C TYR A 171 25.23 12.59 -11.58
N LEU A 172 26.11 11.62 -11.68
CA LEU A 172 27.53 11.88 -11.60
C LEU A 172 27.84 12.88 -12.73
N GLU A 173 27.28 12.58 -13.90
CA GLU A 173 27.45 13.46 -15.03
C GLU A 173 26.95 14.88 -14.70
N LYS A 174 25.65 15.03 -14.50
CA LYS A 174 25.14 16.35 -14.18
C LYS A 174 25.81 17.02 -12.96
N GLY A 175 26.69 16.32 -12.26
CA GLY A 175 27.31 16.92 -11.09
C GLY A 175 28.82 16.86 -11.20
N LYS A 176 29.23 16.72 -12.47
CA LYS A 176 30.63 16.57 -12.92
C LYS A 176 31.51 17.33 -12.02
N GLU A 177 31.24 18.63 -11.99
CA GLU A 177 31.98 19.60 -11.19
C GLU A 177 31.90 19.25 -9.72
N THR A 178 31.03 19.90 -8.97
CA THR A 178 30.82 19.54 -7.55
C THR A 178 31.25 18.11 -7.12
N LEU A 179 30.55 17.14 -7.66
CA LEU A 179 30.82 15.78 -7.26
C LEU A 179 32.20 15.20 -7.39
N LEU A 180 32.87 15.47 -8.50
CA LEU A 180 34.17 14.87 -8.60
C LEU A 180 35.25 15.72 -8.05
N HIS A 181 34.89 16.83 -7.42
CA HIS A 181 35.91 17.71 -6.92
C HIS A 181 36.23 17.56 -5.48
N LEU A 182 37.48 17.25 -5.22
CA LEU A 182 37.96 17.14 -3.85
C LEU A 182 38.50 18.48 -3.24
N GLU A 183 38.29 18.70 -1.94
CA GLU A 183 38.75 19.89 -1.25
C GLU A 183 39.63 19.46 -0.07
N PRO A 184 40.95 19.71 -0.11
CA PRO A 184 41.72 19.24 1.05
C PRO A 184 41.53 20.08 2.25
N PRO A 185 41.93 19.55 3.36
CA PRO A 185 41.86 20.13 4.70
C PRO A 185 42.81 21.25 5.07
N LYS A 186 42.33 22.44 5.41
CA LYS A 186 43.29 23.45 5.89
C LYS A 186 43.70 22.81 7.23
N THR A 187 44.94 22.84 7.63
CA THR A 187 45.29 22.17 8.86
C THR A 187 46.04 23.02 9.89
N HIS A 188 46.13 22.55 11.12
CA HIS A 188 46.88 23.28 12.13
C HIS A 188 46.78 22.80 13.54
N VAL A 189 47.83 23.00 14.31
CA VAL A 189 47.81 22.56 15.68
C VAL A 189 47.58 23.73 16.63
N THR A 190 47.04 23.44 17.79
CA THR A 190 46.82 24.46 18.82
C THR A 190 47.15 23.90 20.18
N HIS A 191 47.61 24.85 20.98
CA HIS A 191 48.12 24.59 22.33
C HIS A 191 47.21 25.18 23.34
N HIS A 192 46.82 24.41 24.33
CA HIS A 192 45.87 24.85 25.36
C HIS A 192 46.38 24.09 26.58
N PRO A 193 47.23 24.74 27.39
CA PRO A 193 47.77 24.06 28.58
C PRO A 193 46.82 23.80 29.74
N ILE A 194 46.89 22.60 30.30
CA ILE A 194 46.04 22.25 31.42
C ILE A 194 46.60 22.58 32.80
N SER A 195 47.70 21.90 33.15
CA SER A 195 48.36 22.09 34.46
C SER A 195 49.66 22.89 34.31
N ASP A 196 50.44 22.94 35.40
CA ASP A 196 51.71 23.65 35.38
C ASP A 196 52.58 22.83 34.47
N HIS A 197 52.40 21.50 34.44
CA HIS A 197 53.28 20.62 33.64
C HIS A 197 52.74 19.89 32.40
N GLU A 198 51.59 20.33 31.90
CA GLU A 198 51.02 19.71 30.69
C GLU A 198 49.86 20.45 30.01
N ALA A 199 49.87 20.36 28.71
CA ALA A 199 48.89 21.01 27.88
C ALA A 199 48.15 20.05 26.91
N THR A 200 47.19 20.60 26.19
CA THR A 200 46.47 19.82 25.23
C THR A 200 46.94 20.23 23.85
N LEU A 201 47.25 19.27 23.01
CA LEU A 201 47.59 19.67 21.68
C LEU A 201 46.33 19.30 20.80
N ARG A 202 45.83 20.21 19.95
CA ARG A 202 44.66 19.89 19.16
C ARG A 202 44.96 20.04 17.67
N CYS A 203 44.90 18.94 16.94
CA CYS A 203 45.17 18.95 15.53
C CYS A 203 43.83 19.27 14.85
N TRP A 204 43.78 20.24 13.94
CA TRP A 204 42.55 20.66 13.29
C TRP A 204 42.48 20.49 11.81
N ALA A 205 41.40 19.98 11.29
CA ALA A 205 41.25 19.86 9.84
C ALA A 205 39.97 20.61 9.52
N LEU A 206 40.03 21.65 8.68
CA LEU A 206 38.83 22.45 8.39
C LEU A 206 38.61 22.63 6.91
N GLY A 207 37.33 22.82 6.53
CA GLY A 207 36.93 22.96 5.14
C GLY A 207 37.16 21.76 4.19
N PHE A 208 37.26 20.49 4.62
CA PHE A 208 37.54 19.45 3.63
C PHE A 208 36.28 18.84 3.05
N TYR A 209 36.42 18.15 1.91
CA TYR A 209 35.30 17.45 1.15
C TYR A 209 36.09 16.42 0.29
N PRO A 210 35.50 15.21 0.07
CA PRO A 210 34.43 14.68 0.95
C PRO A 210 34.73 14.67 2.39
N ALA A 211 33.89 14.02 3.22
CA ALA A 211 34.06 13.91 4.69
C ALA A 211 34.99 12.82 5.25
N GLU A 212 35.32 11.80 4.46
CA GLU A 212 36.22 10.80 5.03
C GLU A 212 37.55 11.52 5.30
N ILE A 213 38.11 11.37 6.50
CA ILE A 213 39.37 11.98 6.81
C ILE A 213 39.98 11.13 7.92
N THR A 214 41.28 11.25 8.17
CA THR A 214 41.89 10.48 9.24
C THR A 214 42.95 11.36 9.90
N LEU A 215 42.83 11.52 11.22
CA LEU A 215 43.73 12.32 12.05
C LEU A 215 44.41 11.46 13.05
N THR A 216 45.72 11.54 13.13
CA THR A 216 46.45 10.71 14.06
C THR A 216 47.58 11.51 14.63
N TRP A 217 47.69 11.35 15.97
CA TRP A 217 48.69 11.95 16.82
C TRP A 217 49.70 10.92 17.25
N GLN A 218 50.90 10.98 16.70
CA GLN A 218 51.96 10.04 17.13
C GLN A 218 53.19 10.79 17.55
N GLN A 219 53.87 10.25 18.54
CA GLN A 219 55.08 10.91 19.02
C GLN A 219 56.35 10.26 18.51
N ASP A 220 57.23 11.10 17.97
CA ASP A 220 58.55 10.67 17.51
C ASP A 220 58.71 9.20 17.11
N GLY A 221 58.03 8.86 16.01
CA GLY A 221 58.06 7.51 15.45
C GLY A 221 56.82 6.68 15.65
N GLU A 222 56.84 5.80 16.67
CA GLU A 222 55.71 4.95 17.01
C GLU A 222 54.25 5.63 17.01
N GLY A 223 53.22 4.83 17.25
CA GLY A 223 51.89 5.44 17.25
C GLY A 223 51.05 5.60 18.52
N HIS A 224 49.80 6.07 18.17
CA HIS A 224 48.61 6.37 18.98
C HIS A 224 48.71 6.52 20.47
N THR A 225 48.72 7.78 20.97
CA THR A 225 48.83 7.98 22.41
C THR A 225 47.54 7.81 23.19
N GLN A 226 47.83 7.41 24.43
CA GLN A 226 46.99 7.16 25.60
C GLN A 226 45.61 7.86 25.49
N ASP A 227 45.68 8.89 24.70
CA ASP A 227 44.53 9.67 24.65
C ASP A 227 44.45 10.45 23.44
N THR A 228 43.73 9.95 22.46
CA THR A 228 43.51 10.90 21.42
C THR A 228 42.00 11.05 21.47
N GLU A 229 41.56 12.26 21.81
CA GLU A 229 40.15 12.62 21.83
C GLU A 229 39.90 13.08 20.38
N LEU A 230 38.89 12.48 19.82
CA LEU A 230 38.65 12.67 18.42
C LEU A 230 37.16 12.92 18.25
N VAL A 231 36.77 14.17 17.92
CA VAL A 231 35.35 14.54 17.76
C VAL A 231 34.83 13.99 16.46
N GLU A 232 33.55 13.74 16.47
CA GLU A 232 32.87 13.18 15.31
C GLU A 232 33.02 14.16 14.18
N THR A 233 33.40 13.73 13.01
CA THR A 233 33.53 14.67 11.91
C THR A 233 32.29 15.52 11.79
N ARG A 234 32.39 16.81 11.53
CA ARG A 234 31.17 17.59 11.44
C ARG A 234 30.96 18.47 10.25
N PRO A 235 29.74 18.99 10.05
CA PRO A 235 29.58 19.83 8.90
C PRO A 235 29.81 21.30 9.23
N ALA A 236 30.56 21.99 8.36
CA ALA A 236 30.84 23.42 8.55
C ALA A 236 29.58 24.21 8.25
N GLY A 237 28.85 23.73 7.26
CA GLY A 237 27.64 24.41 6.91
C GLY A 237 27.73 24.96 5.50
N ASP A 238 28.85 24.70 4.86
CA ASP A 238 29.06 25.23 3.52
C ASP A 238 29.26 24.15 2.47
N GLY A 239 29.29 22.90 2.90
CA GLY A 239 29.48 21.83 1.94
C GLY A 239 30.64 20.99 2.40
N THR A 240 31.50 21.64 3.18
CA THR A 240 32.70 21.06 3.71
C THR A 240 32.55 20.56 5.13
N PHE A 241 33.57 19.87 5.67
CA PHE A 241 33.54 19.34 7.04
C PHE A 241 34.67 19.84 7.92
N GLN A 242 34.67 19.44 9.19
CA GLN A 242 35.69 19.85 10.16
C GLN A 242 35.93 18.67 11.05
N LYS A 243 37.10 18.58 11.66
CA LYS A 243 37.39 17.47 12.56
C LYS A 243 38.66 17.76 13.29
N TRP A 244 38.82 17.20 14.48
CA TRP A 244 40.00 17.48 15.23
C TRP A 244 40.34 16.43 16.22
N ALA A 245 41.62 16.27 16.46
CA ALA A 245 42.08 15.27 17.39
C ALA A 245 42.91 15.96 18.45
N ALA A 246 42.67 15.59 19.68
CA ALA A 246 43.40 16.18 20.76
C ALA A 246 44.11 15.09 21.56
N VAL A 247 45.25 15.47 22.13
CA VAL A 247 46.12 14.61 22.93
C VAL A 247 46.76 15.46 24.04
N VAL A 248 46.96 14.87 25.21
CA VAL A 248 47.57 15.64 26.33
C VAL A 248 49.02 15.30 26.53
N VAL A 249 49.80 16.34 26.51
CA VAL A 249 51.24 16.30 26.54
C VAL A 249 51.83 17.05 27.75
N PRO A 250 53.06 16.70 28.19
CA PRO A 250 53.81 17.32 29.31
C PRO A 250 54.47 18.53 28.70
N SER A 251 54.36 19.70 29.31
CA SER A 251 54.99 20.85 28.65
C SER A 251 56.46 20.55 28.30
N GLY A 252 56.94 21.23 27.26
CA GLY A 252 58.30 20.99 26.84
C GLY A 252 58.31 19.98 25.75
N GLU A 253 57.60 18.86 25.94
CA GLU A 253 57.54 17.75 24.93
C GLU A 253 56.72 17.92 23.62
N GLU A 254 56.05 19.06 23.48
CA GLU A 254 55.23 19.43 22.34
C GLU A 254 55.73 19.09 20.92
N GLN A 255 57.03 18.87 20.68
CA GLN A 255 57.37 18.49 19.29
C GLN A 255 57.71 17.03 19.23
N ALA A 256 57.68 16.35 20.38
CA ALA A 256 57.92 14.93 20.35
C ALA A 256 56.65 14.47 19.58
N TYR A 257 55.61 15.33 19.55
CA TYR A 257 54.37 14.99 18.85
C TYR A 257 54.08 15.50 17.45
N THR A 258 53.58 14.61 16.62
CA THR A 258 53.25 14.97 15.26
C THR A 258 51.87 14.43 14.96
N CYS A 259 51.11 15.21 14.19
CA CYS A 259 49.78 14.82 13.78
C CYS A 259 49.74 14.49 12.27
N HIS A 260 49.19 13.34 11.90
CA HIS A 260 49.15 13.03 10.47
C HIS A 260 47.80 13.24 9.92
N VAL A 261 47.67 13.89 8.79
CA VAL A 261 46.34 14.05 8.31
C VAL A 261 46.13 13.40 6.95
N GLN A 262 45.17 12.46 6.83
CA GLN A 262 44.90 11.79 5.54
C GLN A 262 43.63 12.23 4.90
N HIS A 263 43.69 12.52 3.62
CA HIS A 263 42.52 12.98 2.90
C HIS A 263 42.67 12.96 1.39
N GLU A 264 41.67 12.42 0.73
CA GLU A 264 41.72 12.30 -0.71
C GLU A 264 42.14 13.54 -1.49
N GLY A 265 41.88 14.69 -0.93
CA GLY A 265 42.22 15.92 -1.63
C GLY A 265 43.65 16.35 -1.38
N LEU A 266 44.40 15.45 -0.77
CA LEU A 266 45.82 15.70 -0.49
C LEU A 266 46.69 14.85 -1.40
N PRO A 267 47.56 15.48 -2.22
CA PRO A 267 48.43 14.64 -3.09
C PRO A 267 49.11 13.59 -2.13
N GLU A 268 49.47 14.03 -0.92
CA GLU A 268 50.01 13.09 0.02
C GLU A 268 49.72 13.52 1.40
N PRO A 269 49.81 12.58 2.34
CA PRO A 269 49.57 12.81 3.77
C PRO A 269 50.29 14.07 4.21
N VAL A 270 49.73 14.71 5.22
CA VAL A 270 50.30 15.92 5.80
C VAL A 270 50.72 15.76 7.26
N THR A 271 51.89 16.26 7.64
CA THR A 271 52.31 16.14 9.07
C THR A 271 52.34 17.50 9.74
N LEU A 272 51.90 17.57 10.98
CA LEU A 272 51.88 18.84 11.64
C LEU A 272 52.58 18.71 12.93
N ARG A 273 53.13 19.83 13.36
CA ARG A 273 53.83 19.84 14.61
C ARG A 273 53.41 21.16 15.21
N TRP A 274 53.48 21.22 16.51
CA TRP A 274 53.14 22.47 17.08
C TRP A 274 54.38 23.39 16.87
N MET B 1 10.65 -0.09 20.76
CA MET B 1 11.03 1.30 21.13
C MET B 1 12.48 1.47 21.57
N ILE B 2 13.25 2.07 20.70
CA ILE B 2 14.65 2.33 21.00
C ILE B 2 14.84 3.84 21.12
N GLN B 3 15.67 4.33 22.04
CA GLN B 3 15.90 5.77 22.17
C GLN B 3 17.39 5.94 22.25
N ARG B 4 17.91 6.99 21.64
CA ARG B 4 19.33 7.26 21.65
C ARG B 4 19.51 8.72 22.04
N THR B 5 20.40 9.06 22.94
CA THR B 5 20.49 10.47 23.26
C THR B 5 21.30 11.27 22.30
N PRO B 6 20.93 12.54 22.09
CA PRO B 6 21.64 13.41 21.20
C PRO B 6 23.07 13.76 21.64
N LYS B 7 23.96 13.87 20.66
CA LYS B 7 25.32 14.30 20.88
C LYS B 7 25.28 15.71 20.33
N ILE B 8 25.91 16.61 21.04
CA ILE B 8 25.88 17.99 20.70
C ILE B 8 27.28 18.52 20.43
N GLN B 9 27.47 19.48 19.53
CA GLN B 9 28.76 20.14 19.23
C GLN B 9 28.43 21.55 18.81
N VAL B 10 28.89 22.54 19.55
CA VAL B 10 28.62 23.91 19.21
C VAL B 10 29.89 24.40 18.56
N TYR B 11 29.79 25.06 17.44
CA TYR B 11 31.14 25.32 16.91
C TYR B 11 30.87 26.20 15.68
N SER B 12 31.75 27.08 15.35
CA SER B 12 31.51 28.08 14.28
C SER B 12 32.08 27.64 12.89
N ARG B 13 31.60 28.17 11.74
CA ARG B 13 32.04 27.75 10.39
C ARG B 13 33.51 27.92 10.15
N HIS B 14 33.98 29.10 10.57
CA HIS B 14 35.34 29.59 10.42
C HIS B 14 35.96 29.87 11.72
N PRO B 15 37.30 29.86 11.76
CA PRO B 15 37.84 30.13 13.11
C PRO B 15 37.39 31.45 13.71
N ALA B 16 37.04 31.36 14.99
CA ALA B 16 36.59 32.53 15.72
C ALA B 16 37.56 33.67 15.55
N GLU B 17 37.01 34.78 15.04
CA GLU B 17 37.79 35.98 14.82
C GLU B 17 37.02 37.19 15.39
N ASN B 18 37.23 37.55 16.68
CA ASN B 18 36.49 38.70 17.29
C ASN B 18 36.21 39.82 16.24
N GLY B 19 34.95 40.24 16.07
CA GLY B 19 34.64 41.26 15.11
C GLY B 19 34.50 40.73 13.69
N LYS B 20 35.18 39.64 13.36
CA LYS B 20 35.01 39.08 12.02
C LYS B 20 33.69 38.23 11.99
N SER B 21 32.78 38.59 11.08
CA SER B 21 31.53 37.88 10.92
C SER B 21 31.81 36.38 10.72
N ASN B 22 30.82 35.59 11.11
CA ASN B 22 30.89 34.14 10.99
C ASN B 22 29.53 33.42 10.86
N PHE B 23 29.52 32.18 11.32
CA PHE B 23 28.37 31.32 11.34
C PHE B 23 28.57 30.40 12.55
N LEU B 24 27.56 30.44 13.43
CA LEU B 24 27.49 29.66 14.65
C LEU B 24 26.73 28.36 14.36
N ASN B 25 27.31 27.24 14.77
CA ASN B 25 26.66 25.96 14.53
C ASN B 25 26.35 25.12 15.78
N CYS B 26 25.20 24.44 15.77
CA CYS B 26 24.88 23.52 16.83
C CYS B 26 24.58 22.25 16.05
N TYR B 27 25.43 21.23 16.19
CA TYR B 27 25.23 20.01 15.44
C TYR B 27 24.73 18.86 16.32
N VAL B 28 23.48 18.44 16.14
CA VAL B 28 22.98 17.40 16.98
C VAL B 28 22.79 16.16 16.18
N SER B 29 23.25 15.05 16.75
CA SER B 29 23.25 13.78 16.09
C SER B 29 23.06 12.55 16.97
N GLY B 30 22.83 11.41 16.29
CA GLY B 30 22.72 10.12 16.92
C GLY B 30 21.61 9.94 17.88
N PHE B 31 20.51 10.66 17.62
CA PHE B 31 19.32 10.61 18.46
C PHE B 31 18.14 9.89 17.80
N HIS B 32 17.27 9.36 18.66
CA HIS B 32 16.08 8.64 18.30
C HIS B 32 15.26 8.78 19.57
N PRO B 33 13.96 9.09 19.40
CA PRO B 33 13.31 9.52 18.14
C PRO B 33 13.66 10.84 17.60
N SER B 34 13.10 11.21 16.46
CA SER B 34 13.39 12.48 15.85
C SER B 34 12.84 13.79 16.36
N ASP B 35 12.08 13.82 17.43
CA ASP B 35 11.58 15.09 17.95
C ASP B 35 12.63 15.72 18.82
N ILE B 36 13.09 16.90 18.46
CA ILE B 36 14.17 17.52 19.21
C ILE B 36 13.98 19.01 19.22
N GLU B 37 14.39 19.66 20.29
CA GLU B 37 14.32 21.09 20.36
C GLU B 37 15.73 21.63 20.44
N VAL B 38 16.04 22.56 19.57
CA VAL B 38 17.36 23.12 19.57
C VAL B 38 17.28 24.66 19.45
N ASP B 39 17.90 25.35 20.37
CA ASP B 39 17.93 26.78 20.36
C ASP B 39 19.37 27.23 20.45
N LEU B 40 19.64 28.31 19.73
CA LEU B 40 20.97 28.92 19.77
C LEU B 40 20.82 30.03 20.82
N LEU B 41 21.77 30.17 21.71
CA LEU B 41 21.60 31.15 22.71
C LEU B 41 22.69 32.17 22.65
N LYS B 42 22.33 33.44 22.93
CA LYS B 42 23.29 34.59 23.01
C LYS B 42 23.12 35.20 24.38
N ASN B 43 24.08 34.91 25.24
CA ASN B 43 24.03 35.36 26.62
C ASN B 43 22.69 34.93 27.22
N GLY B 44 22.43 33.64 27.20
CA GLY B 44 21.15 33.16 27.72
C GLY B 44 19.90 33.43 26.91
N GLU B 45 19.92 34.35 25.95
CA GLU B 45 18.66 34.64 25.28
C GLU B 45 18.59 33.84 24.03
N ARG B 46 17.40 33.38 23.64
CA ARG B 46 17.31 32.59 22.42
C ARG B 46 17.31 33.42 21.16
N ILE B 47 18.34 33.23 20.34
CA ILE B 47 18.56 33.87 19.08
C ILE B 47 17.41 33.59 18.13
N GLU B 48 16.80 34.61 17.55
CA GLU B 48 15.70 34.31 16.64
C GLU B 48 16.28 34.10 15.26
N LYS B 49 15.39 33.72 14.34
CA LYS B 49 15.79 33.47 12.94
C LYS B 49 16.97 32.46 12.71
N VAL B 50 17.01 31.33 13.44
CA VAL B 50 18.05 30.30 13.29
C VAL B 50 17.58 29.40 12.19
N GLU B 51 18.48 28.60 11.66
CA GLU B 51 18.12 27.73 10.56
C GLU B 51 18.63 26.34 10.78
N HIS B 52 18.04 25.36 10.10
CA HIS B 52 18.49 23.99 10.25
C HIS B 52 18.39 23.24 8.93
N SER B 53 19.04 22.09 8.85
CA SER B 53 19.01 21.29 7.62
C SER B 53 17.88 20.30 7.56
N ASP B 54 17.79 19.51 6.49
CA ASP B 54 16.71 18.54 6.35
C ASP B 54 16.95 17.30 7.16
N LEU B 55 15.94 16.93 7.92
CA LEU B 55 16.06 15.80 8.75
C LEU B 55 16.64 14.65 7.98
N SER B 56 17.60 13.99 8.55
CA SER B 56 18.19 12.87 7.92
C SER B 56 18.79 11.98 8.98
N PHE B 57 19.09 10.75 8.59
CA PHE B 57 19.57 9.84 9.56
C PHE B 57 20.69 9.12 8.98
N SER B 58 21.42 8.42 9.81
CA SER B 58 22.60 7.69 9.44
C SER B 58 22.36 6.18 9.57
N LYS B 59 23.34 5.41 9.12
CA LYS B 59 23.31 3.98 9.09
C LYS B 59 22.77 3.23 10.27
N ASP B 60 22.92 3.75 11.48
CA ASP B 60 22.38 3.07 12.66
C ASP B 60 21.04 3.65 12.97
N TRP B 61 20.51 4.30 11.95
CA TRP B 61 19.19 4.93 11.90
C TRP B 61 18.99 6.16 12.74
N SER B 62 20.08 6.67 13.36
CA SER B 62 19.92 7.79 14.22
C SER B 62 19.88 9.01 13.37
N PHE B 63 19.21 10.02 13.87
CA PHE B 63 19.02 11.27 13.19
C PHE B 63 20.10 12.28 13.54
N TYR B 64 20.20 13.29 12.67
CA TYR B 64 21.13 14.40 12.82
C TYR B 64 20.65 15.62 12.06
N LEU B 65 20.90 16.80 12.63
CA LEU B 65 20.51 18.06 12.06
C LEU B 65 21.54 19.03 12.44
N LEU B 66 21.71 20.04 11.60
CA LEU B 66 22.62 21.16 11.90
C LEU B 66 21.76 22.42 12.02
N TYR B 67 21.89 23.10 13.15
CA TYR B 67 21.15 24.32 13.35
C TYR B 67 22.23 25.38 13.32
N TYR B 68 21.92 26.54 12.75
CA TYR B 68 22.93 27.59 12.65
C TYR B 68 22.36 28.90 12.36
N THR B 69 23.23 29.88 12.57
CA THR B 69 22.88 31.27 12.37
C THR B 69 24.11 32.12 12.17
N GLU B 70 23.94 33.22 11.46
CA GLU B 70 25.08 34.08 11.26
C GLU B 70 25.39 34.86 12.50
N PHE B 71 26.65 35.02 12.85
CA PHE B 71 26.97 35.81 14.03
C PHE B 71 28.35 36.43 14.08
N THR B 72 28.59 37.22 15.14
CA THR B 72 29.88 37.83 15.27
C THR B 72 30.50 37.70 16.62
N PRO B 73 31.45 36.78 16.69
CA PRO B 73 32.17 36.52 17.93
C PRO B 73 32.67 37.80 18.58
N THR B 74 32.75 37.81 19.89
CA THR B 74 33.16 38.95 20.66
C THR B 74 33.92 38.40 21.85
N GLU B 75 34.79 39.16 22.48
CA GLU B 75 35.43 38.49 23.59
C GLU B 75 34.46 38.44 24.75
N LYS B 76 33.49 39.33 24.78
CA LYS B 76 32.57 39.29 25.90
C LYS B 76 31.32 38.43 25.79
N ASP B 77 30.64 38.51 24.65
CA ASP B 77 29.44 37.78 24.42
C ASP B 77 29.55 36.28 24.67
N GLU B 78 28.60 35.74 25.43
CA GLU B 78 28.53 34.32 25.75
C GLU B 78 27.57 33.48 24.81
N TYR B 79 28.05 32.57 23.94
CA TYR B 79 27.10 31.80 23.12
C TYR B 79 26.91 30.31 23.57
N ALA B 80 25.73 29.77 23.29
CA ALA B 80 25.42 28.39 23.64
C ALA B 80 24.33 27.78 22.80
N CYS B 81 24.18 26.47 22.91
CA CYS B 81 23.15 25.73 22.23
C CYS B 81 22.34 25.04 23.30
N ARG B 82 21.02 25.12 23.24
CA ARG B 82 20.23 24.44 24.24
C ARG B 82 19.40 23.33 23.52
N VAL B 83 19.52 22.08 23.99
CA VAL B 83 18.83 20.97 23.34
C VAL B 83 17.86 20.20 24.21
N ASN B 84 16.74 19.79 23.63
CA ASN B 84 15.82 19.02 24.41
C ASN B 84 15.38 17.82 23.69
N HIS B 85 15.21 16.75 24.46
CA HIS B 85 14.81 15.50 23.88
C HIS B 85 14.28 14.53 24.92
N VAL B 86 13.47 13.56 24.51
CA VAL B 86 12.91 12.67 25.50
C VAL B 86 13.95 12.02 26.36
N THR B 87 15.10 11.73 25.78
CA THR B 87 16.14 11.10 26.55
C THR B 87 16.85 12.02 27.56
N LEU B 88 16.40 13.26 27.70
CA LEU B 88 17.06 14.20 28.62
C LEU B 88 16.24 14.72 29.80
N SER B 89 16.70 14.50 31.00
CA SER B 89 15.97 14.96 32.17
C SER B 89 15.54 16.38 32.04
N GLN B 90 16.46 17.20 31.55
CA GLN B 90 16.21 18.61 31.35
C GLN B 90 17.07 19.07 30.18
N PRO B 91 16.69 20.20 29.57
CA PRO B 91 17.55 20.58 28.48
C PRO B 91 19.01 20.61 28.87
N LYS B 92 19.81 20.29 27.89
CA LYS B 92 21.21 20.28 28.04
C LYS B 92 21.70 21.57 27.34
N ILE B 93 22.63 22.31 27.93
CA ILE B 93 23.15 23.51 27.30
C ILE B 93 24.61 23.30 27.06
N VAL B 94 25.08 23.49 25.84
CA VAL B 94 26.52 23.44 25.71
C VAL B 94 26.99 24.70 25.10
N LYS B 95 27.93 25.32 25.81
CA LYS B 95 28.54 26.61 25.49
C LYS B 95 29.49 26.62 24.34
N TRP B 96 29.44 27.65 23.53
CA TRP B 96 30.40 27.66 22.47
C TRP B 96 31.74 28.04 23.09
N ASP B 97 32.78 27.38 22.65
CA ASP B 97 34.12 27.60 23.12
C ASP B 97 34.88 27.65 21.81
N ARG B 98 35.27 28.84 21.38
CA ARG B 98 35.94 28.99 20.10
C ARG B 98 37.11 28.06 19.85
N ASP B 99 37.54 27.39 20.91
CA ASP B 99 38.65 26.46 20.82
C ASP B 99 38.25 25.08 20.32
N MET B 100 36.93 24.87 20.15
CA MET B 100 36.40 23.59 19.67
C MET B 100 35.34 23.65 18.57
N GLY C 1 -14.49 -30.65 -18.27
CA GLY C 1 -15.05 -29.42 -17.52
C GLY C 1 -14.32 -28.12 -17.88
N SER C 2 -14.42 -27.10 -17.01
CA SER C 2 -13.75 -25.74 -17.28
C SER C 2 -13.88 -24.99 -15.97
N HIS C 3 -12.78 -24.38 -15.48
CA HIS C 3 -12.85 -23.80 -14.14
C HIS C 3 -12.16 -22.49 -13.92
N SER C 4 -12.74 -21.74 -12.96
CA SER C 4 -12.25 -20.43 -12.54
C SER C 4 -12.20 -20.21 -11.03
N LEU C 5 -11.19 -19.44 -10.62
CA LEU C 5 -11.08 -19.05 -9.24
C LEU C 5 -11.23 -17.58 -9.40
N LYS C 6 -12.25 -16.97 -8.81
CA LYS C 6 -12.39 -15.54 -8.94
C LYS C 6 -12.90 -14.80 -7.74
N TYR C 7 -12.43 -13.56 -7.53
CA TYR C 7 -12.80 -12.75 -6.38
C TYR C 7 -13.31 -11.41 -6.80
N PHE C 8 -14.20 -10.93 -5.97
CA PHE C 8 -14.88 -9.65 -6.14
C PHE C 8 -14.68 -8.78 -4.89
N HIS C 9 -14.12 -7.58 -5.01
CA HIS C 9 -13.95 -6.75 -3.82
C HIS C 9 -14.61 -5.42 -4.01
N THR C 10 -15.31 -4.98 -3.00
CA THR C 10 -16.00 -3.70 -3.05
C THR C 10 -15.56 -2.84 -1.86
N SER C 11 -15.47 -1.53 -2.06
CA SER C 11 -15.15 -0.58 -0.98
C SER C 11 -16.17 0.51 -1.12
N VAL C 12 -16.89 0.81 -0.04
CA VAL C 12 -17.88 1.86 -0.11
C VAL C 12 -17.61 2.84 1.00
N SER C 13 -17.41 4.08 0.60
CA SER C 13 -17.12 5.11 1.54
C SER C 13 -18.38 5.51 2.28
N ARG C 14 -18.32 5.56 3.59
CA ARG C 14 -19.45 5.98 4.40
C ARG C 14 -19.07 7.33 5.08
N PRO C 15 -19.54 8.48 4.55
CA PRO C 15 -19.30 9.84 5.05
C PRO C 15 -19.38 10.07 6.56
N GLY C 16 -20.59 10.31 7.08
CA GLY C 16 -20.75 10.50 8.51
C GLY C 16 -19.90 9.51 9.31
N ARG C 17 -20.22 8.22 9.16
CA ARG C 17 -19.59 7.06 9.85
C ARG C 17 -18.12 6.67 9.77
N GLY C 18 -17.30 7.42 9.08
CA GLY C 18 -15.93 6.94 9.05
C GLY C 18 -15.57 5.80 8.11
N GLU C 19 -14.53 5.05 8.50
CA GLU C 19 -13.89 3.94 7.74
C GLU C 19 -14.73 3.21 6.66
N PRO C 20 -14.47 3.46 5.35
CA PRO C 20 -15.29 2.79 4.34
C PRO C 20 -15.43 1.29 4.55
N ARG C 21 -16.60 0.81 4.13
CA ARG C 21 -17.04 -0.59 4.17
C ARG C 21 -16.25 -1.39 3.12
N PHE C 22 -15.68 -2.51 3.47
CA PHE C 22 -14.97 -3.33 2.48
C PHE C 22 -15.45 -4.82 2.48
N ILE C 23 -15.97 -5.26 1.34
CA ILE C 23 -16.40 -6.62 1.26
C ILE C 23 -15.62 -7.34 0.23
N SER C 24 -15.39 -8.59 0.50
CA SER C 24 -14.59 -9.38 -0.37
C SER C 24 -15.20 -10.80 -0.46
N VAL C 25 -15.62 -11.26 -1.64
CA VAL C 25 -16.21 -12.63 -1.81
C VAL C 25 -15.40 -13.39 -2.80
N GLY C 26 -15.18 -14.67 -2.54
CA GLY C 26 -14.34 -15.49 -3.40
C GLY C 26 -15.09 -16.65 -4.01
N TYR C 27 -14.74 -17.08 -5.23
CA TYR C 27 -15.47 -18.17 -5.93
C TYR C 27 -14.68 -19.20 -6.73
N VAL C 28 -15.09 -20.44 -6.64
CA VAL C 28 -14.52 -21.46 -7.51
C VAL C 28 -15.81 -21.61 -8.33
N ASP C 29 -15.69 -21.24 -9.61
CA ASP C 29 -16.80 -21.07 -10.52
C ASP C 29 -18.08 -21.21 -9.85
N ASP C 30 -18.94 -20.23 -9.89
CA ASP C 30 -20.27 -20.43 -9.27
C ASP C 30 -20.56 -20.83 -7.83
N THR C 31 -19.54 -21.26 -7.05
CA THR C 31 -19.72 -21.56 -5.63
C THR C 31 -18.86 -20.56 -4.84
N GLN C 32 -19.46 -19.92 -3.84
CA GLN C 32 -18.73 -18.98 -3.02
C GLN C 32 -18.08 -19.80 -1.94
N PHE C 33 -16.83 -19.56 -1.62
CA PHE C 33 -16.24 -20.37 -0.60
C PHE C 33 -15.60 -19.63 0.52
N VAL C 34 -15.47 -18.32 0.37
CA VAL C 34 -14.83 -17.51 1.38
C VAL C 34 -15.39 -16.16 1.27
N ARG C 35 -15.09 -15.34 2.24
CA ARG C 35 -15.51 -13.95 2.26
C ARG C 35 -14.78 -13.23 3.40
N PHE C 36 -14.72 -11.92 3.25
CA PHE C 36 -14.15 -11.01 4.21
C PHE C 36 -15.09 -9.86 4.24
N ASP C 37 -15.67 -9.58 5.39
CA ASP C 37 -16.51 -8.39 5.46
C ASP C 37 -15.98 -7.58 6.68
N ASN C 38 -15.39 -6.43 6.40
CA ASN C 38 -14.78 -5.64 7.46
C ASN C 38 -15.81 -5.08 8.45
N ASP C 39 -17.07 -5.18 8.10
CA ASP C 39 -18.09 -4.67 8.95
C ASP C 39 -18.52 -5.76 9.87
N ALA C 40 -18.55 -6.96 9.29
CA ALA C 40 -18.92 -8.25 9.94
C ALA C 40 -18.42 -8.30 11.39
N ALA C 41 -19.16 -9.09 12.21
CA ALA C 41 -18.88 -9.27 13.66
C ALA C 41 -17.49 -9.89 13.86
N SER C 42 -16.91 -10.35 12.75
CA SER C 42 -15.57 -10.98 12.73
C SER C 42 -14.80 -10.37 11.53
N PRO C 43 -14.01 -9.24 11.75
CA PRO C 43 -13.29 -8.68 10.59
C PRO C 43 -12.15 -9.58 10.21
N ARG C 44 -12.51 -10.79 9.78
CA ARG C 44 -11.58 -11.84 9.27
C ARG C 44 -12.18 -12.53 8.01
N MET C 45 -11.29 -13.17 7.26
CA MET C 45 -11.67 -13.91 6.08
C MET C 45 -12.27 -15.23 6.62
N VAL C 46 -13.51 -15.52 6.29
CA VAL C 46 -14.12 -16.75 6.80
C VAL C 46 -14.44 -17.75 5.69
N PRO C 47 -14.81 -19.00 6.06
CA PRO C 47 -15.14 -19.95 4.99
C PRO C 47 -16.61 -19.87 4.87
N ARG C 48 -17.01 -19.98 3.60
CA ARG C 48 -18.39 -19.92 3.17
C ARG C 48 -18.86 -21.25 2.61
N ALA C 49 -17.94 -22.16 2.43
CA ALA C 49 -18.29 -23.44 1.91
C ALA C 49 -17.90 -24.43 2.99
N PRO C 50 -18.48 -25.66 3.01
CA PRO C 50 -18.00 -26.52 4.10
C PRO C 50 -16.70 -27.21 3.76
N TRP C 51 -16.47 -27.43 2.49
CA TRP C 51 -15.21 -28.07 2.15
C TRP C 51 -14.03 -27.15 2.43
N MET C 52 -14.32 -25.95 2.95
CA MET C 52 -13.27 -24.98 3.34
C MET C 52 -12.95 -25.04 4.88
N GLU C 53 -13.86 -25.59 5.69
CA GLU C 53 -13.61 -25.68 7.14
C GLU C 53 -12.37 -26.49 7.53
N GLN C 54 -12.01 -27.44 6.68
CA GLN C 54 -10.84 -28.25 6.99
C GLN C 54 -9.62 -27.44 6.59
N GLU C 55 -9.59 -26.15 6.97
CA GLU C 55 -8.43 -25.31 6.60
C GLU C 55 -7.84 -24.71 7.85
N GLY C 56 -6.51 -24.79 7.93
CA GLY C 56 -5.82 -24.32 9.13
C GLY C 56 -5.48 -22.86 9.28
N SER C 57 -5.42 -22.42 10.54
CA SER C 57 -5.09 -21.03 10.92
C SER C 57 -4.16 -20.23 9.99
N GLU C 58 -3.06 -20.85 9.54
CA GLU C 58 -2.10 -20.22 8.63
C GLU C 58 -2.88 -19.52 7.51
N TYR C 59 -3.63 -20.34 6.77
CA TYR C 59 -4.47 -19.90 5.68
C TYR C 59 -5.38 -18.79 6.13
N TRP C 60 -6.25 -19.01 7.09
CA TRP C 60 -7.14 -17.90 7.45
C TRP C 60 -6.43 -16.62 7.90
N ASP C 61 -5.37 -16.79 8.66
CA ASP C 61 -4.65 -15.64 9.13
C ASP C 61 -4.11 -14.89 7.93
N ARG C 62 -3.42 -15.63 7.07
CA ARG C 62 -2.82 -15.02 5.89
C ARG C 62 -3.81 -14.26 5.04
N GLU C 63 -4.87 -14.94 4.66
CA GLU C 63 -5.91 -14.32 3.88
C GLU C 63 -6.60 -13.19 4.62
N THR C 64 -6.68 -13.23 5.94
CA THR C 64 -7.33 -12.12 6.62
C THR C 64 -6.41 -10.90 6.50
N ARG C 65 -5.10 -11.15 6.43
CA ARG C 65 -4.17 -10.04 6.28
C ARG C 65 -4.40 -9.47 4.86
N SER C 66 -4.27 -10.33 3.84
CA SER C 66 -4.49 -9.90 2.46
C SER C 66 -5.71 -9.06 2.30
N ALA C 67 -6.79 -9.39 2.98
CA ALA C 67 -7.97 -8.61 2.82
C ALA C 67 -7.87 -7.30 3.56
N ARG C 68 -7.30 -7.34 4.77
CA ARG C 68 -7.12 -6.14 5.58
C ARG C 68 -6.29 -5.15 4.83
N ASP C 69 -5.19 -5.65 4.26
CA ASP C 69 -4.29 -4.82 3.47
C ASP C 69 -5.00 -4.19 2.29
N THR C 70 -5.77 -4.98 1.53
CA THR C 70 -6.49 -4.41 0.38
C THR C 70 -7.49 -3.37 0.81
N ALA C 71 -8.18 -3.64 1.89
CA ALA C 71 -9.15 -2.70 2.37
C ALA C 71 -8.44 -1.41 2.57
N GLN C 72 -7.22 -1.55 3.04
CA GLN C 72 -6.34 -0.45 3.38
C GLN C 72 -5.89 0.30 2.15
N ILE C 73 -5.27 -0.40 1.19
CA ILE C 73 -4.90 0.28 -0.03
C ILE C 73 -6.16 0.87 -0.69
N PHE C 74 -7.29 0.17 -0.65
CA PHE C 74 -8.53 0.73 -1.25
C PHE C 74 -9.02 2.01 -0.65
N ARG C 75 -8.76 2.19 0.61
CA ARG C 75 -9.17 3.40 1.27
C ARG C 75 -8.24 4.56 0.80
N VAL C 76 -6.98 4.22 0.56
CA VAL C 76 -6.04 5.21 0.10
C VAL C 76 -6.62 5.47 -1.22
N ASN C 77 -6.75 4.42 -2.05
CA ASN C 77 -7.30 4.58 -3.42
C ASN C 77 -8.57 5.38 -3.56
N LEU C 78 -9.47 5.29 -2.60
CA LEU C 78 -10.71 6.06 -2.68
C LEU C 78 -10.53 7.53 -2.49
N ARG C 79 -9.49 7.85 -1.73
CA ARG C 79 -9.11 9.21 -1.39
C ARG C 79 -8.55 9.80 -2.69
N THR C 80 -7.50 9.16 -3.20
CA THR C 80 -6.88 9.58 -4.43
C THR C 80 -7.89 9.89 -5.51
N LEU C 81 -8.83 8.99 -5.72
CA LEU C 81 -9.85 9.17 -6.74
C LEU C 81 -10.74 10.36 -6.38
N ARG C 82 -11.09 10.52 -5.11
CA ARG C 82 -11.91 11.67 -4.71
C ARG C 82 -11.19 12.92 -5.23
N GLY C 83 -9.86 12.84 -5.14
CA GLY C 83 -8.97 13.89 -5.56
C GLY C 83 -9.04 14.11 -7.05
N TYR C 84 -8.56 13.13 -7.84
CA TYR C 84 -8.61 13.20 -9.29
C TYR C 84 -9.93 13.78 -9.82
N TYR C 85 -11.04 13.45 -9.21
CA TYR C 85 -12.32 14.01 -9.67
C TYR C 85 -12.77 15.31 -8.93
N ASN C 86 -11.93 15.91 -8.08
CA ASN C 86 -12.38 17.10 -7.35
C ASN C 86 -13.75 16.82 -6.74
N GLN C 87 -13.79 15.90 -5.78
CA GLN C 87 -15.08 15.56 -5.20
C GLN C 87 -15.18 15.59 -3.69
N SER C 88 -16.31 16.08 -3.21
CA SER C 88 -16.55 16.15 -1.80
C SER C 88 -16.37 14.82 -1.07
N GLU C 89 -15.89 14.87 0.16
CA GLU C 89 -15.62 13.73 1.05
C GLU C 89 -16.91 13.52 1.81
N ALA C 90 -17.94 14.19 1.32
CA ALA C 90 -19.24 14.10 1.94
C ALA C 90 -20.15 13.17 1.13
N GLY C 91 -19.82 12.94 -0.14
CA GLY C 91 -20.62 12.08 -0.94
C GLY C 91 -20.01 10.69 -0.84
N SER C 92 -20.81 9.62 -0.96
CA SER C 92 -20.26 8.28 -0.90
C SER C 92 -19.76 7.83 -2.29
N HIS C 93 -18.76 6.96 -2.29
CA HIS C 93 -18.19 6.44 -3.51
C HIS C 93 -17.84 4.97 -3.37
N THR C 94 -17.64 4.33 -4.52
CA THR C 94 -17.45 2.91 -4.55
C THR C 94 -16.24 2.45 -5.33
N LEU C 95 -15.47 1.52 -4.81
CA LEU C 95 -14.34 1.05 -5.61
C LEU C 95 -14.47 -0.47 -5.73
N GLN C 96 -14.52 -0.98 -6.94
CA GLN C 96 -14.71 -2.39 -7.11
C GLN C 96 -13.55 -2.94 -7.86
N TRP C 97 -13.17 -4.16 -7.54
CA TRP C 97 -12.09 -4.74 -8.24
C TRP C 97 -12.48 -6.16 -8.45
N MET C 98 -12.39 -6.70 -9.68
CA MET C 98 -12.69 -8.10 -9.86
C MET C 98 -11.47 -8.69 -10.50
N HIS C 99 -11.10 -9.90 -10.13
CA HIS C 99 -9.93 -10.50 -10.76
C HIS C 99 -10.14 -11.97 -10.71
N GLY C 100 -9.72 -12.68 -11.76
CA GLY C 100 -9.88 -14.13 -11.73
C GLY C 100 -9.01 -14.91 -12.70
N CYS C 101 -8.90 -16.22 -12.53
CA CYS C 101 -8.13 -16.97 -13.50
C CYS C 101 -8.94 -18.15 -13.97
N GLU C 102 -8.68 -18.65 -15.19
CA GLU C 102 -9.40 -19.81 -15.73
C GLU C 102 -8.53 -20.95 -16.28
N LEU C 103 -8.99 -22.18 -16.14
CA LEU C 103 -8.24 -23.30 -16.67
C LEU C 103 -8.74 -23.69 -18.09
N GLY C 104 -7.96 -24.47 -18.82
CA GLY C 104 -8.42 -24.96 -20.11
C GLY C 104 -9.19 -26.25 -19.77
N PRO C 105 -10.02 -26.77 -20.71
CA PRO C 105 -10.76 -28.02 -20.39
C PRO C 105 -9.75 -29.11 -20.08
N ASP C 106 -8.51 -28.79 -20.50
CA ASP C 106 -7.28 -29.55 -20.36
C ASP C 106 -6.50 -29.23 -19.06
N GLY C 107 -7.15 -28.63 -18.06
CA GLY C 107 -6.51 -28.38 -16.77
C GLY C 107 -5.45 -27.30 -16.50
N ARG C 108 -4.95 -26.55 -17.49
CA ARG C 108 -3.96 -25.51 -17.18
C ARG C 108 -4.43 -24.07 -17.37
N PHE C 109 -3.53 -23.10 -17.19
CA PHE C 109 -3.91 -21.70 -17.36
C PHE C 109 -4.63 -21.53 -18.69
N LEU C 110 -5.61 -20.64 -18.75
CA LEU C 110 -6.26 -20.44 -20.03
C LEU C 110 -6.17 -18.96 -20.32
N ARG C 111 -6.87 -18.17 -19.51
CA ARG C 111 -6.86 -16.71 -19.58
C ARG C 111 -7.01 -16.18 -18.11
N GLY C 112 -6.70 -14.91 -17.89
CA GLY C 112 -6.87 -14.39 -16.56
C GLY C 112 -7.37 -12.99 -16.75
N TYR C 113 -7.82 -12.32 -15.72
CA TYR C 113 -8.24 -10.96 -15.95
C TYR C 113 -8.35 -10.15 -14.67
N GLU C 114 -8.35 -8.82 -14.83
CA GLU C 114 -8.40 -7.94 -13.70
C GLU C 114 -8.97 -6.56 -14.04
N GLN C 115 -9.94 -6.11 -13.24
CA GLN C 115 -10.52 -4.80 -13.49
C GLN C 115 -10.86 -3.96 -12.30
N PHE C 116 -10.86 -2.64 -12.54
CA PHE C 116 -11.23 -1.69 -11.51
C PHE C 116 -12.38 -0.86 -12.00
N ALA C 117 -13.36 -0.66 -11.15
CA ALA C 117 -14.49 0.18 -11.49
C ALA C 117 -14.61 1.18 -10.34
N TYR C 118 -15.03 2.39 -10.68
CA TYR C 118 -15.22 3.40 -9.68
C TYR C 118 -16.60 4.00 -9.91
N ASP C 119 -17.39 4.10 -8.85
CA ASP C 119 -18.73 4.67 -8.94
C ASP C 119 -19.47 4.03 -10.08
N GLY C 120 -19.48 2.69 -10.12
CA GLY C 120 -20.21 1.94 -11.15
C GLY C 120 -19.65 1.86 -12.54
N LYS C 121 -18.48 2.37 -12.82
CA LYS C 121 -18.01 2.27 -14.17
C LYS C 121 -16.56 1.87 -14.32
N ASP C 122 -16.20 1.40 -15.50
CA ASP C 122 -14.86 0.96 -15.77
C ASP C 122 -13.97 2.07 -15.52
N TYR C 123 -12.77 1.76 -15.03
CA TYR C 123 -11.77 2.75 -14.70
C TYR C 123 -10.39 2.31 -15.14
N LEU C 124 -9.97 1.11 -14.82
CA LEU C 124 -8.66 0.69 -15.20
C LEU C 124 -8.72 -0.76 -15.51
N THR C 125 -8.33 -1.17 -16.69
CA THR C 125 -8.42 -2.58 -16.94
C THR C 125 -7.11 -3.15 -17.32
N LEU C 126 -6.77 -4.32 -16.77
CA LEU C 126 -5.49 -4.98 -17.09
C LEU C 126 -5.78 -5.56 -18.44
N ASN C 127 -4.88 -5.37 -19.41
CA ASN C 127 -5.12 -5.88 -20.81
C ASN C 127 -4.89 -7.38 -20.98
N GLU C 128 -5.44 -7.92 -22.04
CA GLU C 128 -5.30 -9.33 -22.31
C GLU C 128 -3.87 -9.83 -22.14
N ASP C 129 -2.92 -9.15 -22.78
CA ASP C 129 -1.58 -9.66 -22.69
C ASP C 129 -1.15 -9.71 -21.25
N LEU C 130 -1.90 -9.04 -20.37
CA LEU C 130 -1.57 -9.02 -18.96
C LEU C 130 -0.22 -8.36 -18.73
N ARG C 131 0.11 -7.40 -19.58
CA ARG C 131 1.38 -6.71 -19.39
C ARG C 131 1.10 -5.26 -19.56
N SER C 132 -0.17 -4.92 -19.72
CA SER C 132 -0.49 -3.53 -19.89
C SER C 132 -1.90 -3.19 -19.40
N TRP C 133 -2.11 -1.87 -19.19
CA TRP C 133 -3.40 -1.37 -18.74
C TRP C 133 -4.12 -0.42 -19.68
N THR C 134 -5.43 -0.40 -19.54
CA THR C 134 -6.26 0.47 -20.33
C THR C 134 -7.04 1.43 -19.39
N ALA C 135 -6.61 2.70 -19.43
CA ALA C 135 -7.27 3.75 -18.66
C ALA C 135 -8.62 3.95 -19.35
N VAL C 136 -9.58 4.57 -18.67
CA VAL C 136 -10.92 4.71 -19.21
C VAL C 136 -11.30 6.15 -19.18
N ASP C 137 -10.43 6.90 -18.54
CA ASP C 137 -10.73 8.28 -18.26
C ASP C 137 -9.42 8.99 -18.36
N THR C 138 -9.39 10.27 -18.11
CA THR C 138 -8.06 10.85 -18.10
C THR C 138 -7.41 10.70 -16.65
N ALA C 139 -8.26 10.53 -15.62
CA ALA C 139 -7.76 10.37 -14.25
C ALA C 139 -7.13 9.00 -14.21
N ALA C 140 -7.83 8.09 -14.90
CA ALA C 140 -7.42 6.71 -14.98
C ALA C 140 -6.11 6.63 -15.68
N GLN C 141 -5.79 7.66 -16.45
CA GLN C 141 -4.52 7.65 -17.12
C GLN C 141 -3.43 7.99 -16.13
N ILE C 142 -3.75 8.76 -15.10
CA ILE C 142 -2.66 9.00 -14.16
C ILE C 142 -2.46 7.68 -13.44
N SER C 143 -3.58 7.05 -13.10
CA SER C 143 -3.55 5.77 -12.42
C SER C 143 -2.76 4.87 -13.35
N GLU C 144 -3.05 4.92 -14.65
CA GLU C 144 -2.35 4.05 -15.56
C GLU C 144 -0.83 4.13 -15.57
N GLN C 145 -0.29 5.34 -15.62
CA GLN C 145 1.17 5.51 -15.66
C GLN C 145 1.82 5.17 -14.29
N LYS C 146 1.08 5.50 -13.22
CA LYS C 146 1.54 5.27 -11.88
C LYS C 146 1.75 3.79 -11.85
N SER C 147 0.79 3.07 -12.44
CA SER C 147 0.78 1.61 -12.45
C SER C 147 1.90 1.05 -13.23
N ASN C 148 2.05 1.50 -14.46
CA ASN C 148 3.17 1.03 -15.30
C ASN C 148 4.56 1.32 -14.78
N ASP C 149 4.81 2.53 -14.28
CA ASP C 149 6.13 2.87 -13.75
C ASP C 149 6.38 2.00 -12.51
N ALA C 150 5.28 1.63 -11.82
CA ALA C 150 5.31 0.78 -10.62
C ALA C 150 5.44 -0.71 -11.00
N SER C 151 5.04 -1.05 -12.20
CA SER C 151 5.21 -2.43 -12.61
C SER C 151 4.12 -3.38 -12.07
N GLU C 152 2.93 -2.87 -11.87
CA GLU C 152 1.88 -3.69 -11.30
C GLU C 152 1.49 -4.90 -12.15
N ALA C 153 1.25 -4.72 -13.43
CA ALA C 153 0.89 -5.86 -14.25
C ALA C 153 1.82 -7.04 -14.06
N GLU C 154 3.07 -6.73 -13.79
CA GLU C 154 4.04 -7.79 -13.58
C GLU C 154 3.57 -8.68 -12.44
N HIS C 155 3.35 -8.07 -11.30
CA HIS C 155 2.84 -8.78 -10.15
C HIS C 155 1.57 -9.54 -10.49
N GLN C 156 0.53 -8.77 -10.74
CA GLN C 156 -0.76 -9.31 -11.11
C GLN C 156 -0.63 -10.50 -12.06
N ARG C 157 0.27 -10.40 -13.01
CA ARG C 157 0.36 -11.49 -13.93
C ARG C 157 0.90 -12.73 -13.31
N ALA C 158 1.79 -12.58 -12.33
CA ALA C 158 2.37 -13.77 -11.73
C ALA C 158 1.24 -14.46 -10.96
N TYR C 159 0.58 -13.70 -10.10
CA TYR C 159 -0.52 -14.23 -9.34
C TYR C 159 -1.51 -14.89 -10.28
N LEU C 160 -1.97 -14.12 -11.23
CA LEU C 160 -2.92 -14.63 -12.17
C LEU C 160 -2.45 -15.90 -12.85
N GLU C 161 -1.15 -16.01 -13.12
CA GLU C 161 -0.70 -17.17 -13.87
C GLU C 161 -0.22 -18.36 -13.13
N ASP C 162 0.16 -18.20 -11.87
CA ASP C 162 0.58 -19.33 -11.06
C ASP C 162 -0.35 -19.37 -9.90
N THR C 163 0.08 -18.69 -8.86
CA THR C 163 -0.69 -18.63 -7.66
C THR C 163 -2.15 -18.97 -7.82
N CYS C 164 -2.84 -18.23 -8.69
CA CYS C 164 -4.25 -18.44 -8.90
C CYS C 164 -4.48 -19.84 -9.43
N VAL C 165 -3.88 -20.18 -10.56
CA VAL C 165 -4.15 -21.52 -11.02
C VAL C 165 -3.68 -22.58 -10.04
N GLU C 166 -2.62 -22.37 -9.34
CA GLU C 166 -2.24 -23.44 -8.45
C GLU C 166 -3.25 -23.74 -7.34
N TRP C 167 -3.86 -22.67 -6.87
CA TRP C 167 -4.82 -22.80 -5.80
C TRP C 167 -6.17 -23.20 -6.30
N LEU C 168 -6.47 -22.91 -7.57
CA LEU C 168 -7.76 -23.34 -8.08
C LEU C 168 -7.75 -24.87 -7.94
N HIS C 169 -6.62 -25.41 -8.35
CA HIS C 169 -6.37 -26.82 -8.26
C HIS C 169 -6.58 -27.28 -6.83
N LYS C 170 -5.91 -26.67 -5.89
CA LYS C 170 -6.11 -27.18 -4.55
C LYS C 170 -7.53 -27.14 -4.07
N TYR C 171 -8.28 -26.15 -4.56
CA TYR C 171 -9.66 -25.97 -4.12
C TYR C 171 -10.61 -26.94 -4.73
N LEU C 172 -10.38 -27.24 -6.02
CA LEU C 172 -11.14 -28.26 -6.76
C LEU C 172 -10.99 -29.57 -5.98
N GLU C 173 -9.77 -29.82 -5.55
CA GLU C 173 -9.56 -31.00 -4.76
C GLU C 173 -10.39 -31.01 -3.50
N LYS C 174 -10.09 -30.11 -2.58
CA LYS C 174 -10.85 -30.01 -1.34
C LYS C 174 -12.39 -29.93 -1.51
N GLY C 175 -12.90 -29.70 -2.72
CA GLY C 175 -14.35 -29.64 -2.86
C GLY C 175 -14.81 -30.49 -4.03
N LYS C 176 -13.93 -31.42 -4.46
CA LYS C 176 -14.15 -32.31 -5.61
C LYS C 176 -15.55 -32.83 -5.57
N GLU C 177 -15.78 -33.47 -4.43
CA GLU C 177 -17.04 -34.06 -4.04
C GLU C 177 -18.17 -33.02 -4.09
N THR C 178 -18.14 -32.06 -4.98
CA THR C 178 -19.16 -31.05 -4.91
C THR C 178 -18.96 -30.20 -6.08
N LEU C 179 -17.79 -29.64 -6.18
CA LEU C 179 -17.53 -28.79 -7.31
C LEU C 179 -17.58 -29.59 -8.59
N LEU C 180 -17.41 -30.91 -8.51
CA LEU C 180 -17.45 -31.72 -9.72
C LEU C 180 -18.82 -32.25 -10.08
N HIS C 181 -19.72 -32.21 -9.11
CA HIS C 181 -21.06 -32.63 -9.33
C HIS C 181 -21.80 -31.83 -10.44
N LEU C 182 -22.80 -32.45 -11.07
CA LEU C 182 -23.57 -31.72 -12.08
C LEU C 182 -25.00 -31.94 -11.73
N GLU C 183 -25.70 -30.88 -11.45
CA GLU C 183 -27.06 -31.07 -11.09
C GLU C 183 -28.00 -30.65 -12.19
N PRO C 184 -28.62 -31.64 -12.90
CA PRO C 184 -29.50 -31.18 -13.96
C PRO C 184 -30.73 -30.61 -13.42
N PRO C 185 -31.41 -29.82 -14.25
CA PRO C 185 -32.65 -29.11 -14.02
C PRO C 185 -33.87 -29.93 -13.85
N LYS C 186 -34.65 -29.72 -12.79
CA LYS C 186 -35.91 -30.40 -12.61
C LYS C 186 -36.70 -29.53 -13.61
N THR C 187 -37.42 -30.08 -14.57
CA THR C 187 -38.08 -29.20 -15.54
C THR C 187 -39.57 -29.34 -15.56
N HIS C 188 -40.22 -28.30 -16.08
CA HIS C 188 -41.66 -28.33 -16.28
C HIS C 188 -42.35 -27.16 -16.88
N VAL C 189 -43.52 -27.42 -17.51
CA VAL C 189 -44.27 -26.35 -18.15
C VAL C 189 -45.55 -26.05 -17.44
N THR C 190 -45.89 -24.77 -17.32
CA THR C 190 -47.13 -24.35 -16.67
C THR C 190 -47.99 -23.46 -17.52
N HIS C 191 -49.28 -23.61 -17.23
CA HIS C 191 -50.32 -22.93 -17.99
C HIS C 191 -51.07 -21.90 -17.19
N HIS C 192 -50.99 -20.66 -17.64
CA HIS C 192 -51.63 -19.54 -16.96
C HIS C 192 -52.35 -18.72 -18.06
N PRO C 193 -53.67 -19.02 -18.26
CA PRO C 193 -54.38 -18.28 -19.33
C PRO C 193 -54.68 -16.80 -19.05
N ILE C 194 -54.42 -15.98 -20.05
CA ILE C 194 -54.65 -14.53 -19.96
C ILE C 194 -56.13 -14.18 -20.25
N SER C 195 -56.45 -14.20 -21.56
CA SER C 195 -57.77 -13.86 -22.08
C SER C 195 -58.61 -15.11 -22.29
N ASP C 196 -59.73 -14.93 -22.99
CA ASP C 196 -60.63 -16.06 -23.24
C ASP C 196 -59.96 -16.96 -24.24
N HIS C 197 -59.21 -16.31 -25.16
CA HIS C 197 -58.50 -16.96 -26.28
C HIS C 197 -56.98 -17.12 -26.22
N GLU C 198 -56.38 -16.90 -25.05
CA GLU C 198 -54.94 -17.14 -24.92
C GLU C 198 -54.43 -17.24 -23.49
N ALA C 199 -53.27 -17.88 -23.35
CA ALA C 199 -52.70 -18.14 -22.06
C ALA C 199 -51.21 -17.95 -22.12
N THR C 200 -50.60 -18.22 -20.98
CA THR C 200 -49.17 -18.16 -20.81
C THR C 200 -48.62 -19.55 -20.52
N LEU C 201 -47.58 -19.88 -21.27
CA LEU C 201 -46.89 -21.14 -21.04
C LEU C 201 -45.52 -20.77 -20.44
N ARG C 202 -45.24 -21.29 -19.23
CA ARG C 202 -43.99 -21.01 -18.55
C ARG C 202 -43.11 -22.26 -18.43
N CYS C 203 -41.94 -22.23 -19.05
CA CYS C 203 -41.02 -23.35 -18.97
C CYS C 203 -40.09 -23.15 -17.79
N TRP C 204 -40.15 -24.03 -16.81
CA TRP C 204 -39.32 -23.92 -15.63
C TRP C 204 -38.11 -24.80 -15.47
N ALA C 205 -36.97 -24.26 -15.08
CA ALA C 205 -35.79 -25.07 -14.74
C ALA C 205 -35.44 -24.80 -13.26
N LEU C 206 -35.46 -25.79 -12.39
CA LEU C 206 -35.16 -25.60 -10.95
C LEU C 206 -34.12 -26.51 -10.31
N GLY C 207 -33.34 -26.03 -9.35
CA GLY C 207 -32.39 -26.93 -8.73
C GLY C 207 -31.14 -27.24 -9.50
N PHE C 208 -30.83 -26.51 -10.58
CA PHE C 208 -29.62 -26.84 -11.35
C PHE C 208 -28.29 -26.19 -10.99
N TYR C 209 -27.20 -26.84 -11.40
CA TYR C 209 -25.81 -26.44 -11.16
C TYR C 209 -24.83 -27.09 -12.14
N PRO C 210 -23.90 -26.31 -12.72
CA PRO C 210 -23.67 -24.88 -12.54
C PRO C 210 -24.89 -24.06 -12.96
N ALA C 211 -24.70 -22.77 -13.14
CA ALA C 211 -25.80 -21.90 -13.48
C ALA C 211 -26.01 -21.65 -14.96
N GLU C 212 -25.04 -22.00 -15.75
CA GLU C 212 -25.18 -21.79 -17.16
C GLU C 212 -26.29 -22.71 -17.56
N ILE C 213 -27.29 -22.18 -18.27
CA ILE C 213 -28.46 -22.98 -18.71
C ILE C 213 -29.08 -22.26 -19.84
N THR C 214 -29.79 -22.96 -20.71
CA THR C 214 -30.44 -22.27 -21.83
C THR C 214 -31.83 -22.84 -21.99
N LEU C 215 -32.81 -21.92 -21.95
CA LEU C 215 -34.23 -22.21 -22.11
C LEU C 215 -34.76 -21.65 -23.41
N THR C 216 -35.30 -22.47 -24.31
CA THR C 216 -35.83 -21.96 -25.59
C THR C 216 -37.19 -22.49 -25.88
N TRP C 217 -38.06 -21.58 -26.25
CA TRP C 217 -39.44 -21.89 -26.57
C TRP C 217 -39.53 -21.80 -28.05
N GLN C 218 -39.82 -22.92 -28.70
CA GLN C 218 -40.01 -22.87 -30.12
C GLN C 218 -41.28 -23.56 -30.56
N GLN C 219 -41.87 -23.06 -31.63
CA GLN C 219 -43.10 -23.69 -32.11
C GLN C 219 -42.92 -24.57 -33.33
N ASP C 220 -43.47 -25.79 -33.22
CA ASP C 220 -43.45 -26.80 -34.28
C ASP C 220 -42.34 -26.48 -35.27
N GLY C 221 -41.11 -26.76 -34.80
CA GLY C 221 -39.91 -26.63 -35.60
C GLY C 221 -39.11 -25.38 -35.42
N GLU C 222 -39.38 -24.45 -36.32
CA GLU C 222 -38.73 -23.16 -36.34
C GLU C 222 -38.53 -22.52 -34.93
N GLY C 223 -37.83 -21.39 -34.97
CA GLY C 223 -37.42 -20.68 -33.77
C GLY C 223 -38.30 -19.70 -33.05
N HIS C 224 -37.84 -19.47 -31.79
CA HIS C 224 -38.54 -18.72 -30.70
C HIS C 224 -39.61 -17.69 -31.15
N THR C 225 -40.51 -17.51 -30.21
CA THR C 225 -41.64 -16.69 -30.53
C THR C 225 -41.53 -15.22 -30.04
N GLN C 226 -42.34 -14.44 -30.80
CA GLN C 226 -42.57 -13.02 -30.60
C GLN C 226 -42.17 -12.57 -29.17
N ASP C 227 -42.57 -13.40 -28.21
CA ASP C 227 -42.42 -13.06 -26.81
C ASP C 227 -41.85 -14.09 -25.90
N THR C 228 -40.54 -14.21 -25.82
CA THR C 228 -40.16 -15.13 -24.79
C THR C 228 -39.73 -14.13 -23.74
N GLU C 229 -40.30 -14.26 -22.55
CA GLU C 229 -39.99 -13.43 -21.40
C GLU C 229 -39.08 -14.37 -20.61
N LEU C 230 -37.83 -13.96 -20.46
CA LEU C 230 -36.78 -14.75 -19.83
C LEU C 230 -36.20 -14.09 -18.56
N VAL C 231 -36.63 -14.53 -17.38
CA VAL C 231 -36.12 -14.01 -16.11
C VAL C 231 -34.62 -14.31 -15.92
N GLU C 232 -33.90 -13.36 -15.33
CA GLU C 232 -32.47 -13.49 -15.09
C GLU C 232 -32.27 -14.73 -14.20
N THR C 233 -31.34 -15.62 -14.55
CA THR C 233 -31.18 -16.82 -13.73
C THR C 233 -31.11 -16.43 -12.27
N ARG C 234 -31.52 -17.25 -11.35
CA ARG C 234 -31.44 -16.80 -9.98
C ARG C 234 -31.07 -17.86 -8.98
N PRO C 235 -30.83 -17.47 -7.73
CA PRO C 235 -30.48 -18.53 -6.78
C PRO C 235 -31.53 -19.06 -5.85
N ALA C 236 -31.53 -20.36 -5.75
CA ALA C 236 -32.50 -21.04 -4.89
C ALA C 236 -32.13 -20.71 -3.48
N GLY C 237 -30.82 -20.69 -3.24
CA GLY C 237 -30.34 -20.41 -1.92
C GLY C 237 -29.79 -21.69 -1.33
N ASP C 238 -29.66 -22.71 -2.14
CA ASP C 238 -29.14 -23.97 -1.62
C ASP C 238 -27.94 -24.40 -2.43
N GLY C 239 -27.50 -23.55 -3.32
CA GLY C 239 -26.35 -23.94 -4.07
C GLY C 239 -26.66 -24.03 -5.52
N THR C 240 -27.96 -24.16 -5.77
CA THR C 240 -28.53 -24.35 -7.10
C THR C 240 -29.24 -23.14 -7.70
N PHE C 241 -29.67 -23.24 -8.94
CA PHE C 241 -30.36 -22.08 -9.48
C PHE C 241 -31.72 -22.39 -10.01
N GLN C 242 -32.39 -21.35 -10.50
CA GLN C 242 -33.72 -21.42 -11.07
C GLN C 242 -33.80 -20.54 -12.28
N LYS C 243 -34.72 -20.80 -13.17
CA LYS C 243 -34.84 -19.94 -14.33
C LYS C 243 -36.11 -20.30 -15.04
N TRP C 244 -36.60 -19.44 -15.90
CA TRP C 244 -37.78 -19.79 -16.58
C TRP C 244 -38.04 -18.94 -17.77
N ALA C 245 -38.77 -19.49 -18.72
CA ALA C 245 -39.08 -18.75 -19.91
C ALA C 245 -40.57 -18.82 -20.13
N ALA C 246 -41.14 -17.70 -20.49
CA ALA C 246 -42.55 -17.70 -20.69
C ALA C 246 -42.81 -17.26 -22.12
N VAL C 247 -43.94 -17.73 -22.68
CA VAL C 247 -44.38 -17.39 -24.03
C VAL C 247 -45.92 -17.38 -24.05
N VAL C 248 -46.50 -16.46 -24.84
CA VAL C 248 -47.96 -16.35 -24.91
C VAL C 248 -48.46 -16.88 -26.18
N VAL C 249 -49.37 -17.83 -25.97
CA VAL C 249 -50.00 -18.66 -26.96
C VAL C 249 -51.55 -18.52 -26.95
N PRO C 250 -52.21 -18.86 -28.09
CA PRO C 250 -53.66 -18.84 -28.34
C PRO C 250 -54.11 -20.18 -27.79
N SER C 251 -55.08 -20.21 -26.88
CA SER C 251 -55.55 -21.50 -26.37
C SER C 251 -55.76 -22.46 -27.54
N GLY C 252 -55.68 -23.76 -27.24
CA GLY C 252 -55.79 -24.73 -28.31
C GLY C 252 -54.41 -25.04 -28.89
N GLU C 253 -53.62 -24.01 -29.20
CA GLU C 253 -52.27 -24.15 -29.77
C GLU C 253 -51.07 -24.56 -28.88
N GLU C 254 -51.39 -24.79 -27.62
CA GLU C 254 -50.41 -25.17 -26.60
C GLU C 254 -49.36 -26.26 -27.07
N GLN C 255 -49.71 -27.12 -28.03
CA GLN C 255 -48.73 -28.15 -28.44
C GLN C 255 -47.97 -27.74 -29.67
N ALA C 256 -48.31 -26.61 -30.28
CA ALA C 256 -47.52 -26.21 -31.42
C ALA C 256 -46.23 -25.70 -30.73
N TYR C 257 -46.24 -25.58 -29.37
CA TYR C 257 -45.02 -25.14 -28.66
C TYR C 257 -44.25 -26.14 -27.83
N THR C 258 -42.93 -26.02 -27.98
CA THR C 258 -41.96 -26.88 -27.32
C THR C 258 -40.88 -26.11 -26.68
N CYS C 259 -40.53 -26.50 -25.46
CA CYS C 259 -39.46 -25.81 -24.72
C CYS C 259 -38.16 -26.64 -24.59
N HIS C 260 -37.04 -26.07 -25.07
CA HIS C 260 -35.79 -26.78 -25.06
C HIS C 260 -34.93 -26.33 -23.96
N VAL C 261 -34.37 -27.28 -23.24
CA VAL C 261 -33.56 -26.93 -22.13
C VAL C 261 -32.19 -27.54 -22.26
N GLN C 262 -31.14 -26.70 -22.28
CA GLN C 262 -29.75 -27.19 -22.33
C GLN C 262 -28.97 -27.02 -21.06
N HIS C 263 -28.29 -28.06 -20.64
CA HIS C 263 -27.56 -27.96 -19.41
C HIS C 263 -26.54 -29.08 -19.21
N GLU C 264 -25.34 -28.71 -18.87
CA GLU C 264 -24.26 -29.61 -18.69
C GLU C 264 -24.52 -30.84 -17.90
N GLY C 265 -25.49 -30.81 -16.99
CA GLY C 265 -25.80 -31.99 -16.20
C GLY C 265 -26.80 -32.92 -16.92
N LEU C 266 -27.14 -32.59 -18.15
CA LEU C 266 -28.05 -33.40 -18.93
C LEU C 266 -27.33 -34.15 -20.02
N PRO C 267 -27.54 -35.47 -20.10
CA PRO C 267 -26.87 -36.23 -21.14
C PRO C 267 -27.29 -35.61 -22.47
N GLU C 268 -28.49 -35.13 -22.62
CA GLU C 268 -28.77 -34.44 -23.86
C GLU C 268 -29.83 -33.48 -23.56
N PRO C 269 -30.12 -32.60 -24.53
CA PRO C 269 -31.16 -31.58 -24.40
C PRO C 269 -32.48 -32.21 -24.08
N VAL C 270 -33.31 -31.49 -23.37
CA VAL C 270 -34.59 -31.98 -22.99
C VAL C 270 -35.74 -31.17 -23.61
N THR C 271 -36.74 -31.82 -24.23
CA THR C 271 -37.89 -31.11 -24.86
C THR C 271 -39.13 -31.27 -24.06
N LEU C 272 -39.78 -30.14 -23.78
CA LEU C 272 -40.97 -30.08 -22.96
C LEU C 272 -42.11 -29.58 -23.74
N ARG C 273 -43.26 -30.04 -23.32
CA ARG C 273 -44.50 -29.68 -23.99
C ARG C 273 -45.57 -29.54 -22.96
N TRP C 274 -46.52 -28.64 -23.18
CA TRP C 274 -47.58 -28.58 -22.18
C TRP C 274 -48.54 -29.81 -22.23
N MET D 1 -20.48 9.71 -11.49
CA MET D 1 -21.68 9.06 -10.93
C MET D 1 -22.70 8.39 -11.95
N ILE D 2 -22.92 7.08 -11.77
CA ILE D 2 -23.82 6.23 -12.58
C ILE D 2 -24.79 5.51 -11.63
N GLN D 3 -26.07 5.47 -12.00
CA GLN D 3 -27.08 4.77 -11.14
C GLN D 3 -27.97 3.78 -11.89
N ARG D 4 -28.08 2.57 -11.34
CA ARG D 4 -28.84 1.51 -11.94
C ARG D 4 -29.90 1.03 -10.95
N THR D 5 -31.16 1.04 -11.34
CA THR D 5 -32.22 0.61 -10.44
C THR D 5 -32.24 -0.87 -10.25
N PRO D 6 -32.58 -1.29 -9.03
CA PRO D 6 -32.67 -2.70 -8.65
C PRO D 6 -33.83 -3.43 -9.33
N LYS D 7 -33.51 -4.66 -9.77
CA LYS D 7 -34.45 -5.59 -10.37
C LYS D 7 -34.80 -6.51 -9.21
N ILE D 8 -36.07 -6.72 -9.03
CA ILE D 8 -36.52 -7.51 -7.91
C ILE D 8 -37.22 -8.79 -8.40
N GLN D 9 -37.16 -9.86 -7.62
CA GLN D 9 -37.81 -11.10 -7.98
C GLN D 9 -38.11 -11.69 -6.66
N VAL D 10 -39.38 -11.94 -6.37
CA VAL D 10 -39.74 -12.57 -5.09
C VAL D 10 -40.09 -13.97 -5.54
N TYR D 11 -39.66 -15.00 -4.81
CA TYR D 11 -39.96 -16.33 -5.27
C TYR D 11 -39.55 -17.32 -4.26
N SER D 12 -40.07 -18.49 -4.22
CA SER D 12 -39.69 -19.50 -3.22
C SER D 12 -38.53 -20.38 -3.64
N ARG D 13 -37.93 -21.07 -2.67
CA ARG D 13 -36.83 -22.05 -2.96
C ARG D 13 -37.37 -23.26 -3.76
N HIS D 14 -38.50 -23.75 -3.29
CA HIS D 14 -39.21 -24.89 -3.80
C HIS D 14 -40.57 -24.48 -4.26
N PRO D 15 -41.20 -25.26 -5.17
CA PRO D 15 -42.53 -24.78 -5.51
C PRO D 15 -43.41 -24.75 -4.24
N ALA D 16 -44.14 -23.63 -4.18
CA ALA D 16 -45.07 -23.30 -3.11
C ALA D 16 -45.98 -24.48 -2.84
N GLU D 17 -45.95 -24.96 -1.61
CA GLU D 17 -46.83 -26.07 -1.24
C GLU D 17 -47.53 -25.75 0.07
N ASN D 18 -48.69 -25.04 0.00
CA ASN D 18 -49.50 -24.67 1.19
C ASN D 18 -49.24 -25.71 2.27
N GLY D 19 -48.93 -25.29 3.47
CA GLY D 19 -48.69 -26.26 4.51
C GLY D 19 -47.30 -26.85 4.45
N LYS D 20 -46.71 -26.88 3.29
CA LYS D 20 -45.37 -27.41 3.19
C LYS D 20 -44.28 -26.35 3.44
N SER D 21 -43.42 -26.60 4.45
CA SER D 21 -42.26 -25.70 4.68
C SER D 21 -41.48 -25.33 3.35
N ASN D 22 -40.82 -24.16 3.42
CA ASN D 22 -40.06 -23.62 2.31
C ASN D 22 -39.10 -22.49 2.71
N PHE D 23 -38.74 -21.72 1.70
CA PHE D 23 -37.83 -20.63 1.84
C PHE D 23 -38.27 -19.55 0.88
N LEU D 24 -38.49 -18.34 1.43
CA LEU D 24 -38.93 -17.20 0.66
C LEU D 24 -37.70 -16.42 0.16
N ASN D 25 -37.76 -15.92 -1.06
CA ASN D 25 -36.65 -15.18 -1.60
C ASN D 25 -36.98 -13.84 -2.25
N CYS D 26 -36.13 -12.87 -1.92
CA CYS D 26 -36.20 -11.58 -2.60
C CYS D 26 -34.80 -11.50 -3.21
N TYR D 27 -34.77 -11.32 -4.52
CA TYR D 27 -33.50 -11.29 -5.17
C TYR D 27 -33.38 -9.97 -5.89
N VAL D 28 -32.47 -9.15 -5.38
CA VAL D 28 -32.26 -7.86 -5.98
C VAL D 28 -30.97 -7.82 -6.76
N SER D 29 -31.04 -7.24 -7.95
CA SER D 29 -29.87 -7.20 -8.79
C SER D 29 -29.77 -6.02 -9.72
N GLY D 30 -28.59 -5.92 -10.34
CA GLY D 30 -28.30 -4.90 -11.31
C GLY D 30 -28.43 -3.46 -10.85
N PHE D 31 -28.21 -3.26 -9.54
CA PHE D 31 -28.26 -1.94 -8.93
C PHE D 31 -26.91 -1.37 -8.56
N HIS D 32 -26.95 -0.06 -8.56
CA HIS D 32 -25.85 0.81 -8.26
C HIS D 32 -26.45 2.15 -7.85
N PRO D 33 -26.00 2.64 -6.69
CA PRO D 33 -25.01 2.05 -5.80
C PRO D 33 -25.55 0.99 -4.82
N SER D 34 -24.63 0.30 -4.16
CA SER D 34 -24.86 -0.78 -3.25
C SER D 34 -25.68 -0.55 -2.02
N ASP D 35 -26.12 0.67 -1.80
CA ASP D 35 -26.89 0.87 -0.59
C ASP D 35 -28.29 0.41 -0.83
N ILE D 36 -28.81 -0.48 -0.03
CA ILE D 36 -30.14 -0.90 -0.40
C ILE D 36 -30.95 -1.37 0.76
N GLU D 37 -32.23 -1.07 0.74
CA GLU D 37 -33.06 -1.57 1.82
C GLU D 37 -34.03 -2.61 1.32
N VAL D 38 -33.97 -3.77 1.94
CA VAL D 38 -34.81 -4.85 1.45
C VAL D 38 -35.48 -5.56 2.59
N ASP D 39 -36.83 -5.57 2.50
CA ASP D 39 -37.69 -6.21 3.47
C ASP D 39 -38.66 -7.26 2.93
N LEU D 40 -38.72 -8.37 3.67
CA LEU D 40 -39.62 -9.47 3.32
C LEU D 40 -40.86 -9.13 4.12
N LEU D 41 -41.97 -9.06 3.42
CA LEU D 41 -43.22 -8.67 4.07
C LEU D 41 -44.20 -9.85 4.16
N LYS D 42 -44.88 -9.90 5.32
CA LYS D 42 -45.93 -10.92 5.64
C LYS D 42 -47.22 -10.21 6.04
N ASN D 43 -48.05 -10.04 5.00
CA ASN D 43 -49.36 -9.37 5.08
C ASN D 43 -49.07 -7.92 5.45
N GLY D 44 -48.15 -7.28 4.72
CA GLY D 44 -47.76 -5.92 5.08
C GLY D 44 -46.76 -5.85 6.28
N GLU D 45 -46.70 -6.84 7.18
CA GLU D 45 -45.75 -6.72 8.28
C GLU D 45 -44.32 -7.07 7.86
N ARG D 46 -43.31 -6.49 8.53
CA ARG D 46 -41.94 -6.83 8.13
C ARG D 46 -41.42 -8.01 8.97
N ILE D 47 -41.06 -9.04 8.22
CA ILE D 47 -40.54 -10.25 8.79
C ILE D 47 -39.21 -10.00 9.45
N GLU D 48 -39.11 -10.38 10.69
CA GLU D 48 -37.82 -10.20 11.28
C GLU D 48 -36.90 -11.41 11.02
N LYS D 49 -35.66 -11.29 11.49
CA LYS D 49 -34.68 -12.39 11.32
C LYS D 49 -34.39 -12.85 9.91
N VAL D 50 -34.46 -11.96 8.93
CA VAL D 50 -34.21 -12.30 7.53
C VAL D 50 -32.69 -12.46 7.37
N GLU D 51 -32.23 -12.97 6.23
CA GLU D 51 -30.80 -13.10 5.98
C GLU D 51 -30.52 -12.67 4.58
N HIS D 52 -29.25 -12.48 4.28
CA HIS D 52 -28.90 -12.13 2.91
C HIS D 52 -27.51 -12.68 2.62
N SER D 53 -27.06 -12.52 1.40
CA SER D 53 -25.76 -13.02 0.98
C SER D 53 -24.71 -11.95 1.10
N ASP D 54 -23.47 -12.32 0.77
CA ASP D 54 -22.34 -11.42 0.84
C ASP D 54 -22.35 -10.60 -0.39
N LEU D 55 -22.37 -9.29 -0.24
CA LEU D 55 -22.40 -8.42 -1.38
C LEU D 55 -21.48 -8.87 -2.51
N SER D 56 -22.08 -8.92 -3.69
CA SER D 56 -21.35 -9.23 -4.87
C SER D 56 -21.89 -8.51 -6.09
N PHE D 57 -21.05 -8.35 -7.08
CA PHE D 57 -21.47 -7.63 -8.25
C PHE D 57 -21.23 -8.50 -9.44
N SER D 58 -21.70 -8.04 -10.59
CA SER D 58 -21.56 -8.81 -11.81
C SER D 58 -20.67 -8.19 -12.84
N LYS D 59 -20.67 -8.68 -14.05
CA LYS D 59 -19.73 -8.15 -15.03
C LYS D 59 -19.82 -6.65 -15.39
N ASP D 60 -21.03 -6.12 -15.29
CA ASP D 60 -21.34 -4.71 -15.60
C ASP D 60 -21.29 -3.85 -14.29
N TRP D 61 -20.56 -4.41 -13.32
CA TRP D 61 -20.33 -3.86 -12.01
C TRP D 61 -21.56 -3.67 -11.22
N SER D 62 -22.72 -4.14 -11.71
CA SER D 62 -23.94 -3.98 -10.91
C SER D 62 -23.92 -4.98 -9.74
N PHE D 63 -24.60 -4.65 -8.66
CA PHE D 63 -24.59 -5.51 -7.48
C PHE D 63 -25.80 -6.39 -7.43
N TYR D 64 -25.68 -7.47 -6.66
CA TYR D 64 -26.81 -8.36 -6.44
C TYR D 64 -26.69 -8.95 -5.05
N LEU D 65 -27.84 -9.21 -4.47
CA LEU D 65 -27.95 -9.78 -3.13
C LEU D 65 -29.19 -10.62 -3.07
N LEU D 66 -29.16 -11.60 -2.19
CA LEU D 66 -30.35 -12.43 -2.01
C LEU D 66 -30.78 -12.35 -0.57
N TYR D 67 -32.00 -11.91 -0.40
CA TYR D 67 -32.58 -11.83 0.92
C TYR D 67 -33.56 -12.98 1.03
N TYR D 68 -33.52 -13.63 2.19
CA TYR D 68 -34.39 -14.74 2.36
C TYR D 68 -34.71 -15.14 3.77
N THR D 69 -35.77 -15.92 3.88
CA THR D 69 -36.20 -16.41 5.18
C THR D 69 -37.02 -17.69 4.98
N GLU D 70 -37.06 -18.51 6.04
CA GLU D 70 -37.84 -19.74 5.98
C GLU D 70 -39.30 -19.49 6.13
N PHE D 71 -40.15 -20.05 5.29
CA PHE D 71 -41.55 -19.79 5.50
C PHE D 71 -42.45 -20.87 5.00
N THR D 72 -43.72 -20.75 5.36
CA THR D 72 -44.68 -21.73 4.93
C THR D 72 -45.87 -21.14 4.25
N PRO D 73 -45.83 -21.06 2.94
CA PRO D 73 -46.94 -20.52 2.14
C PRO D 73 -48.33 -21.01 2.65
N THR D 74 -49.33 -20.19 2.37
CA THR D 74 -50.69 -20.52 2.81
C THR D 74 -51.56 -19.91 1.73
N GLU D 75 -52.80 -20.38 1.57
CA GLU D 75 -53.62 -19.74 0.51
C GLU D 75 -54.01 -18.33 0.98
N LYS D 76 -54.12 -18.13 2.31
CA LYS D 76 -54.54 -16.86 2.88
C LYS D 76 -53.48 -15.80 2.96
N ASP D 77 -52.36 -16.18 3.58
CA ASP D 77 -51.19 -15.31 3.77
C ASP D 77 -50.64 -14.61 2.57
N GLU D 78 -50.51 -13.29 2.67
CA GLU D 78 -49.99 -12.45 1.57
C GLU D 78 -48.47 -12.20 1.73
N TYR D 79 -47.60 -12.54 0.77
CA TYR D 79 -46.17 -12.24 0.96
C TYR D 79 -45.60 -11.31 -0.12
N ALA D 80 -44.62 -10.47 0.30
CA ALA D 80 -43.93 -9.53 -0.60
C ALA D 80 -42.57 -9.13 -0.09
N CYS D 81 -41.95 -8.34 -0.95
CA CYS D 81 -40.64 -7.82 -0.72
C CYS D 81 -40.77 -6.34 -0.88
N ARG D 82 -40.14 -5.58 -0.01
CA ARG D 82 -40.21 -4.13 -0.16
C ARG D 82 -38.74 -3.71 -0.27
N VAL D 83 -38.47 -2.88 -1.27
CA VAL D 83 -37.09 -2.48 -1.55
C VAL D 83 -36.86 -0.99 -1.65
N ASN D 84 -35.75 -0.51 -1.08
CA ASN D 84 -35.47 0.91 -1.24
C ASN D 84 -34.14 1.26 -1.85
N HIS D 85 -34.11 2.33 -2.64
CA HIS D 85 -32.87 2.66 -3.26
C HIS D 85 -32.93 4.05 -3.85
N VAL D 86 -31.79 4.76 -3.84
CA VAL D 86 -31.74 6.11 -4.36
C VAL D 86 -32.56 6.22 -5.65
N THR D 87 -32.32 5.31 -6.59
CA THR D 87 -33.02 5.36 -7.84
C THR D 87 -34.57 5.26 -7.65
N LEU D 88 -35.03 4.99 -6.42
CA LEU D 88 -36.48 4.81 -6.18
C LEU D 88 -37.31 5.87 -5.45
N SER D 89 -38.17 6.57 -6.21
CA SER D 89 -39.08 7.60 -5.68
C SER D 89 -39.60 7.13 -4.31
N GLN D 90 -40.11 5.92 -4.23
CA GLN D 90 -40.61 5.39 -2.94
C GLN D 90 -40.30 3.91 -2.91
N PRO D 91 -40.38 3.30 -1.74
CA PRO D 91 -40.07 1.88 -1.82
C PRO D 91 -40.98 1.20 -2.83
N LYS D 92 -40.46 0.17 -3.48
CA LYS D 92 -41.21 -0.63 -4.44
C LYS D 92 -41.58 -1.93 -3.71
N ILE D 93 -42.78 -2.39 -3.96
CA ILE D 93 -43.19 -3.65 -3.33
C ILE D 93 -43.70 -4.62 -4.35
N VAL D 94 -43.05 -5.77 -4.39
CA VAL D 94 -43.51 -6.80 -5.27
C VAL D 94 -43.86 -8.03 -4.41
N LYS D 95 -45.12 -8.40 -4.61
CA LYS D 95 -45.79 -9.49 -3.94
C LYS D 95 -45.31 -10.82 -4.45
N TRP D 96 -45.25 -11.76 -3.54
CA TRP D 96 -44.86 -13.06 -3.98
C TRP D 96 -46.10 -13.62 -4.72
N ASP D 97 -45.83 -14.33 -5.81
CA ASP D 97 -46.87 -14.94 -6.62
C ASP D 97 -46.41 -16.40 -6.87
N ARG D 98 -46.76 -17.36 -6.01
CA ARG D 98 -46.24 -18.74 -6.20
C ARG D 98 -46.00 -19.24 -7.64
N ASP D 99 -46.67 -18.58 -8.60
CA ASP D 99 -46.53 -18.91 -10.03
C ASP D 99 -45.36 -18.25 -10.65
N MET D 100 -44.44 -17.74 -9.84
CA MET D 100 -43.26 -17.13 -10.41
C MET D 100 -42.02 -17.10 -9.54
N VAL E 1 16.84 8.07 -9.07
CA VAL E 1 15.39 8.28 -8.74
C VAL E 1 15.16 7.37 -7.60
N THR E 2 14.13 7.69 -6.76
CA THR E 2 13.83 6.79 -5.63
C THR E 2 13.25 5.63 -6.45
N ALA E 3 13.05 4.51 -5.73
CA ALA E 3 12.57 3.22 -6.22
C ALA E 3 11.10 3.40 -6.57
N PRO E 4 10.63 2.78 -7.65
CA PRO E 4 9.25 2.88 -8.09
C PRO E 4 8.18 2.41 -7.16
N ARG E 5 8.48 1.48 -6.26
CA ARG E 5 7.44 0.98 -5.38
C ARG E 5 8.07 0.51 -4.06
N THR E 6 7.34 0.60 -2.97
CA THR E 6 7.89 0.30 -1.68
C THR E 6 7.25 -0.99 -1.13
N LEU E 7 7.81 -1.61 -0.12
CA LEU E 7 7.25 -2.85 0.38
C LEU E 7 6.04 -2.60 1.18
N LEU E 8 5.03 -3.43 1.08
CA LEU E 8 3.84 -3.29 1.94
C LEU E 8 4.13 -4.31 3.04
N LEU E 9 4.20 -3.81 4.27
CA LEU E 9 4.53 -4.61 5.43
C LEU E 9 3.35 -5.32 6.15
N VAL F 1 -6.61 -18.21 -3.14
CA VAL F 1 -6.22 -17.09 -2.26
C VAL F 1 -6.40 -15.88 -3.11
N THR F 2 -6.68 -14.74 -2.49
CA THR F 2 -6.88 -13.42 -3.14
C THR F 2 -5.48 -13.03 -3.57
N ALA F 3 -5.35 -12.06 -4.42
CA ALA F 3 -4.03 -11.63 -4.91
C ALA F 3 -3.34 -11.01 -3.68
N PRO F 4 -2.02 -11.29 -3.49
CA PRO F 4 -1.23 -10.79 -2.36
C PRO F 4 -1.37 -9.27 -2.14
N ARG F 5 -1.17 -8.50 -3.21
CA ARG F 5 -1.20 -7.06 -3.09
C ARG F 5 -1.93 -6.49 -4.24
N THR F 6 -2.60 -5.38 -3.99
CA THR F 6 -3.43 -4.72 -4.97
C THR F 6 -2.82 -3.45 -5.56
N LEU F 7 -3.37 -2.91 -6.66
CA LEU F 7 -2.81 -1.67 -7.31
C LEU F 7 -3.00 -0.38 -6.56
N LEU F 8 -1.94 0.46 -6.48
CA LEU F 8 -2.15 1.75 -5.81
C LEU F 8 -2.57 2.59 -6.98
N LEU F 9 -3.74 3.23 -6.88
CA LEU F 9 -4.23 4.01 -8.02
C LEU F 9 -3.83 5.49 -8.03
S SO4 G . -5.04 6.22 10.03
O1 SO4 G . -4.46 7.24 11.05
O2 SO4 G . -4.21 6.19 8.81
O3 SO4 G . -4.99 4.85 10.68
O4 SO4 G . -6.47 6.58 9.62
#